data_6NWZ
#
_entry.id   6NWZ
#
_cell.length_a   77.970
_cell.length_b   77.970
_cell.length_c   640.310
_cell.angle_alpha   90.000
_cell.angle_beta   90.000
_cell.angle_gamma   120.000
#
_symmetry.space_group_name_H-M   'P 61 2 2'
#
loop_
_entity.id
_entity.type
_entity.pdbx_description
1 polymer 'Carbohydrate deacetylase Agd3'
2 branched 2-acetamido-2-deoxy-beta-D-glucopyranose-(1-4)-2-acetamido-2-deoxy-beta-D-glucopyranose
3 non-polymer 2-acetamido-2-deoxy-beta-D-glucopyranose
4 non-polymer alpha-D-mannopyranose
5 non-polymer 'CHLORIDE ION'
6 non-polymer 'ZINC ION'
7 water water
#
_entity_poly.entity_id   1
_entity_poly.type   'polypeptide(L)'
_entity_poly.pdbx_seq_one_letter_code
;MGSSHHHHHHSSGLVPRGSHGSVLSNILVIAKDSSAASSATSGLNAYGIPYTTLLVPQAGVGLPALNSSNVGNYGGIVVA
AEVSYDYGGTTGYQSALTTDQWNQLYAYQLEYGVRMVQFDVYPGPKFGASAVNGGCCNTGVEQLLSFTDTSDFPTAGLKT
GATVSTEGLWHYPATISNSSNTKEIAQFAPNAVTSTASTAAVINNFDGREQMAFFIGFATDWSATSNYLQHAWITWLTRG
LYAGHRRVNLNTQIDDMFLVTDIYYPNGSTFRITVEDMNGISAWVPTINAKMNPGSSYFVEVGHNGNGNIEQSSSTDAGA
AACNGGGIEYDSPPDTPLEFKKPLGTGTDLWPSTPTTYDWTVACTQLDDLLRWWTTPANRDAFGHISHTFTHEEQNNATY
ADVFKEISFNQAWLKQVGLDQAKWFTSNGIIPPAITGLHNGDALQAWWDNGIRNCVGDNTRPVLMNQQNAMWPYFTTVES
DGFAGMQVNPRWATRIYYNCDTPACTVQEWIDTSAGAGSFDDLLAVEKADTMRHLLGLRHDGYMFHQANLRNADVTPITV
NGVTAKYSIFQAWVETIVQEFVRLVDWPLVTITHQEMSENFLARYQRDQCGYGLSYAVADKKITAVTVTATGNTCSRPIP
VTFPVAPTSTQGYATEQLGSDPLTVWVQLSGSPVTFTLSTPIAL
;
_entity_poly.pdbx_strand_id   A
#
# COMPACT_ATOMS: atom_id res chain seq x y z
N HIS A 20 -15.32 27.73 -25.53
CA HIS A 20 -14.65 26.55 -26.03
C HIS A 20 -13.23 26.46 -25.48
N GLY A 21 -12.59 25.31 -25.67
CA GLY A 21 -11.23 25.09 -25.23
C GLY A 21 -11.03 23.69 -24.69
N SER A 22 -9.77 23.30 -24.56
CA SER A 22 -9.39 22.00 -24.03
C SER A 22 -8.18 22.14 -23.12
N VAL A 23 -8.09 21.28 -22.11
CA VAL A 23 -7.03 21.32 -21.12
C VAL A 23 -6.45 19.91 -20.97
N LEU A 24 -5.13 19.81 -20.95
CA LEU A 24 -4.46 18.55 -20.67
C LEU A 24 -4.44 18.30 -19.16
N SER A 25 -4.64 17.03 -18.78
CA SER A 25 -4.77 16.64 -17.37
C SER A 25 -3.43 16.44 -16.68
N ASN A 26 -2.36 17.04 -17.18
CA ASN A 26 -1.05 16.91 -16.57
C ASN A 26 -0.93 17.88 -15.39
N ILE A 27 -0.43 17.39 -14.26
CA ILE A 27 -0.30 18.20 -13.06
C ILE A 27 1.11 18.77 -12.99
N LEU A 28 1.21 20.09 -12.88
CA LEU A 28 2.50 20.78 -12.79
C LEU A 28 2.89 20.93 -11.33
N VAL A 29 4.00 20.31 -10.94
CA VAL A 29 4.50 20.35 -9.57
C VAL A 29 5.72 21.25 -9.53
N ILE A 30 5.65 22.31 -8.73
CA ILE A 30 6.71 23.31 -8.61
C ILE A 30 7.28 23.24 -7.21
N ALA A 31 8.59 23.04 -7.10
CA ALA A 31 9.24 22.91 -5.80
C ALA A 31 10.69 23.36 -5.93
N LYS A 32 11.38 23.44 -4.79
CA LYS A 32 12.76 23.92 -4.79
C LYS A 32 13.74 22.81 -5.12
N ASP A 33 13.50 21.60 -4.62
CA ASP A 33 14.38 20.47 -4.84
C ASP A 33 13.53 19.21 -4.95
N SER A 34 14.18 18.09 -5.23
CA SER A 34 13.47 16.83 -5.40
C SER A 34 12.81 16.38 -4.09
N SER A 35 13.41 16.68 -2.95
CA SER A 35 12.78 16.32 -1.67
C SER A 35 11.46 17.05 -1.50
N ALA A 36 11.43 18.35 -1.79
CA ALA A 36 10.20 19.12 -1.67
C ALA A 36 9.13 18.59 -2.61
N ALA A 37 9.50 18.33 -3.87
CA ALA A 37 8.54 17.86 -4.86
C ALA A 37 8.01 16.46 -4.52
N SER A 38 8.79 15.66 -3.80
CA SER A 38 8.37 14.29 -3.50
C SER A 38 7.13 14.26 -2.63
N SER A 39 6.93 15.27 -1.77
CA SER A 39 5.73 15.30 -0.94
C SER A 39 4.49 15.61 -1.76
N ALA A 40 4.65 16.05 -3.00
CA ALA A 40 3.52 16.23 -3.92
C ALA A 40 3.44 15.17 -5.00
N THR A 41 4.58 14.65 -5.47
CA THR A 41 4.57 13.68 -6.56
C THR A 41 4.25 12.27 -6.08
N SER A 42 4.57 11.96 -4.82
CA SER A 42 4.29 10.62 -4.30
C SER A 42 2.80 10.32 -4.33
N GLY A 43 1.97 11.30 -3.97
CA GLY A 43 0.53 11.09 -4.01
C GLY A 43 0.00 10.96 -5.42
N LEU A 44 0.46 11.82 -6.33
CA LEU A 44 0.06 11.70 -7.73
C LEU A 44 0.53 10.38 -8.32
N ASN A 45 1.75 9.95 -7.97
CA ASN A 45 2.27 8.68 -8.46
C ASN A 45 1.43 7.52 -7.94
N ALA A 46 0.99 7.60 -6.67
CA ALA A 46 0.18 6.53 -6.10
C ALA A 46 -1.15 6.40 -6.84
N TYR A 47 -1.79 7.53 -7.16
CA TYR A 47 -3.02 7.49 -7.94
C TYR A 47 -2.75 7.09 -9.38
N GLY A 48 -1.55 7.33 -9.89
CA GLY A 48 -1.26 7.15 -11.30
C GLY A 48 -1.52 8.37 -12.14
N ILE A 49 -1.62 9.55 -11.52
CA ILE A 49 -1.95 10.80 -12.20
C ILE A 49 -0.71 11.35 -12.88
N PRO A 50 -0.75 11.57 -14.19
CA PRO A 50 0.43 12.13 -14.87
C PRO A 50 0.75 13.53 -14.35
N TYR A 51 2.05 13.78 -14.17
CA TYR A 51 2.51 15.04 -13.61
C TYR A 51 3.85 15.42 -14.22
N THR A 52 4.18 16.70 -14.13
CA THR A 52 5.46 17.23 -14.56
C THR A 52 6.08 18.00 -13.40
N THR A 53 7.36 17.77 -13.15
CA THR A 53 8.06 18.40 -12.04
C THR A 53 8.94 19.53 -12.55
N LEU A 54 8.76 20.72 -11.97
CA LEU A 54 9.58 21.90 -12.28
C LEU A 54 10.31 22.31 -11.02
N LEU A 55 11.64 22.20 -11.03
CA LEU A 55 12.46 22.56 -9.89
C LEU A 55 12.98 23.97 -10.08
N VAL A 56 12.79 24.81 -9.06
CA VAL A 56 13.14 26.22 -9.11
C VAL A 56 14.31 26.46 -8.17
N PRO A 57 15.53 26.64 -8.68
CA PRO A 57 16.65 26.99 -7.80
C PRO A 57 16.57 28.45 -7.37
N GLN A 58 17.40 28.78 -6.38
CA GLN A 58 17.41 30.14 -5.85
C GLN A 58 17.76 31.16 -6.92
N ALA A 59 18.54 30.75 -7.93
CA ALA A 59 18.87 31.65 -9.03
C ALA A 59 17.70 31.89 -9.95
N GLY A 60 16.66 31.06 -9.90
CA GLY A 60 15.48 31.21 -10.72
C GLY A 60 15.42 30.20 -11.85
N VAL A 61 14.28 30.20 -12.53
CA VAL A 61 14.07 29.33 -13.68
C VAL A 61 12.85 29.85 -14.43
N GLY A 62 12.77 29.52 -15.72
CA GLY A 62 11.61 29.89 -16.52
C GLY A 62 10.54 28.82 -16.48
N LEU A 63 9.28 29.24 -16.63
CA LEU A 63 8.17 28.31 -16.61
C LEU A 63 8.02 27.62 -17.96
N PRO A 64 7.47 26.40 -17.99
CA PRO A 64 7.19 25.76 -19.28
C PRO A 64 6.04 26.47 -20.01
N ALA A 65 5.75 26.04 -21.24
CA ALA A 65 4.62 26.59 -21.99
C ALA A 65 3.32 26.21 -21.29
N LEU A 66 2.64 27.19 -20.71
CA LEU A 66 1.41 26.90 -19.98
C LEU A 66 0.26 26.55 -20.91
N ASN A 67 0.25 27.09 -22.12
CA ASN A 67 -0.81 26.78 -23.07
C ASN A 67 -0.34 27.08 -24.49
N SER A 68 -1.10 26.57 -25.45
CA SER A 68 -0.83 26.74 -26.87
C SER A 68 -2.14 26.96 -27.58
N SER A 69 -2.31 28.14 -28.17
CA SER A 69 -3.54 28.54 -28.85
C SER A 69 -4.75 28.39 -27.94
N ASN A 70 -5.49 27.29 -28.09
CA ASN A 70 -6.70 27.04 -27.33
C ASN A 70 -6.61 25.77 -26.50
N VAL A 71 -5.39 25.34 -26.17
CA VAL A 71 -5.17 24.12 -25.40
C VAL A 71 -4.30 24.45 -24.21
N GLY A 72 -4.83 24.20 -23.00
CA GLY A 72 -4.05 24.36 -21.79
C GLY A 72 -3.24 23.10 -21.52
N ASN A 73 -1.95 23.29 -21.18
CA ASN A 73 -1.05 22.17 -21.03
C ASN A 73 -1.09 21.51 -19.66
N TYR A 74 -1.78 22.11 -18.69
CA TYR A 74 -1.76 21.59 -17.32
C TYR A 74 -3.13 21.72 -16.69
N GLY A 75 -3.59 20.65 -16.05
CA GLY A 75 -4.87 20.61 -15.38
C GLY A 75 -4.82 21.04 -13.94
N GLY A 76 -3.63 21.28 -13.41
CA GLY A 76 -3.49 21.71 -12.03
C GLY A 76 -2.06 22.11 -11.77
N ILE A 77 -1.89 22.89 -10.71
CA ILE A 77 -0.58 23.38 -10.30
C ILE A 77 -0.43 23.17 -8.80
N VAL A 78 0.71 22.62 -8.39
CA VAL A 78 1.04 22.43 -6.99
C VAL A 78 2.38 23.09 -6.72
N VAL A 79 2.42 23.95 -5.71
CA VAL A 79 3.63 24.68 -5.35
C VAL A 79 3.90 24.45 -3.87
N ALA A 80 5.13 24.05 -3.56
CA ALA A 80 5.53 23.75 -2.19
C ALA A 80 6.36 24.90 -1.64
N ALA A 81 5.89 25.49 -0.54
CA ALA A 81 6.61 26.52 0.21
C ALA A 81 6.88 27.77 -0.64
N GLU A 82 6.02 28.02 -1.63
CA GLU A 82 6.14 29.18 -2.52
C GLU A 82 7.51 29.27 -3.18
N VAL A 83 8.21 28.14 -3.35
CA VAL A 83 9.62 28.06 -3.73
C VAL A 83 10.38 29.27 -3.21
N SER A 84 10.37 29.45 -1.89
CA SER A 84 10.90 30.64 -1.24
C SER A 84 12.31 30.39 -0.71
N TYR A 85 13.18 31.36 -0.92
CA TYR A 85 14.54 31.34 -0.40
C TYR A 85 14.80 32.62 0.38
N ASP A 86 15.83 32.57 1.25
CA ASP A 86 16.28 33.75 1.98
C ASP A 86 17.38 34.40 1.15
N TYR A 87 17.04 35.50 0.49
CA TYR A 87 17.99 36.24 -0.34
C TYR A 87 18.83 37.22 0.46
N GLY A 88 18.67 37.23 1.77
CA GLY A 88 19.48 38.11 2.61
C GLY A 88 19.16 39.58 2.39
N GLY A 89 19.97 40.42 3.03
CA GLY A 89 19.81 41.84 2.89
C GLY A 89 18.43 42.28 3.32
N THR A 90 17.94 43.35 2.70
CA THR A 90 16.59 43.80 2.95
C THR A 90 15.55 42.99 2.18
N THR A 91 15.97 42.24 1.16
CA THR A 91 15.05 41.41 0.41
C THR A 91 14.46 40.31 1.29
N GLY A 92 15.29 39.64 2.08
CA GLY A 92 14.81 38.61 2.97
C GLY A 92 14.25 37.42 2.22
N TYR A 93 13.25 36.78 2.82
CA TYR A 93 12.61 35.62 2.20
C TYR A 93 11.70 36.08 1.07
N GLN A 94 11.91 35.48 -0.12
CA GLN A 94 11.09 35.77 -1.29
C GLN A 94 10.96 34.50 -2.12
N SER A 95 9.91 34.47 -2.93
CA SER A 95 9.74 33.37 -3.87
C SER A 95 10.80 33.44 -4.97
N ALA A 96 11.34 32.27 -5.34
CA ALA A 96 12.31 32.23 -6.43
C ALA A 96 11.66 32.47 -7.78
N LEU A 97 10.33 32.37 -7.87
CA LEU A 97 9.61 32.76 -9.08
C LEU A 97 9.27 34.24 -9.02
N THR A 98 9.50 34.93 -10.14
CA THR A 98 9.32 36.37 -10.19
C THR A 98 7.84 36.73 -10.08
N THR A 99 7.58 38.02 -9.85
CA THR A 99 6.21 38.51 -9.78
C THR A 99 5.49 38.28 -11.10
N ASP A 100 6.18 38.51 -12.22
CA ASP A 100 5.55 38.29 -13.52
C ASP A 100 5.27 36.81 -13.77
N GLN A 101 6.14 35.93 -13.26
CA GLN A 101 5.89 34.49 -13.41
C GLN A 101 4.67 34.05 -12.61
N TRP A 102 4.51 34.57 -11.39
CA TRP A 102 3.32 34.23 -10.61
C TRP A 102 2.05 34.75 -11.28
N ASN A 103 2.14 35.89 -11.97
CA ASN A 103 0.98 36.41 -12.67
C ASN A 103 0.63 35.59 -13.90
N GLN A 104 1.63 35.03 -14.59
CA GLN A 104 1.35 34.10 -15.68
C GLN A 104 0.59 32.88 -15.15
N LEU A 105 0.97 32.37 -13.99
CA LEU A 105 0.26 31.24 -13.41
C LEU A 105 -1.17 31.62 -13.04
N TYR A 106 -1.36 32.80 -12.44
CA TYR A 106 -2.71 33.23 -12.11
C TYR A 106 -3.53 33.48 -13.36
N ALA A 107 -2.91 34.03 -14.40
CA ALA A 107 -3.63 34.26 -15.66
C ALA A 107 -4.05 32.94 -16.30
N TYR A 108 -3.18 31.93 -16.22
CA TYR A 108 -3.54 30.62 -16.75
C TYR A 108 -4.73 30.04 -16.00
N GLN A 109 -4.73 30.17 -14.66
CA GLN A 109 -5.83 29.65 -13.86
C GLN A 109 -7.16 30.25 -14.30
N LEU A 110 -7.19 31.53 -14.63
CA LEU A 110 -8.43 32.20 -14.97
C LEU A 110 -8.93 31.80 -16.36
N GLU A 111 -8.05 31.88 -17.37
CA GLU A 111 -8.49 31.65 -18.74
C GLU A 111 -8.91 30.20 -18.98
N TYR A 112 -8.30 29.25 -18.26
CA TYR A 112 -8.54 27.84 -18.51
C TYR A 112 -9.20 27.12 -17.34
N GLY A 113 -9.60 27.84 -16.30
CA GLY A 113 -10.32 27.22 -15.19
C GLY A 113 -9.53 26.19 -14.41
N VAL A 114 -8.25 26.46 -14.18
CA VAL A 114 -7.34 25.50 -13.57
C VAL A 114 -7.09 25.90 -12.12
N ARG A 115 -7.10 24.91 -11.23
CA ARG A 115 -6.91 25.14 -9.81
C ARG A 115 -5.44 25.02 -9.42
N MET A 116 -5.10 25.59 -8.27
CA MET A 116 -3.75 25.56 -7.73
C MET A 116 -3.79 25.13 -6.27
N VAL A 117 -2.81 24.32 -5.88
CA VAL A 117 -2.66 23.87 -4.50
C VAL A 117 -1.31 24.36 -3.99
N GLN A 118 -1.32 24.92 -2.79
CA GLN A 118 -0.09 25.35 -2.13
C GLN A 118 -0.06 24.79 -0.71
N PHE A 119 1.00 24.07 -0.39
CA PHE A 119 1.18 23.55 0.96
C PHE A 119 2.55 23.93 1.49
N ASP A 120 2.67 23.90 2.82
CA ASP A 120 3.88 24.34 3.52
C ASP A 120 4.11 25.83 3.29
N VAL A 121 3.03 26.62 3.35
CA VAL A 121 3.10 28.06 3.17
C VAL A 121 2.68 28.76 4.46
N TYR A 122 3.24 29.94 4.67
CA TYR A 122 2.92 30.74 5.85
C TYR A 122 1.68 31.58 5.57
N PRO A 123 0.72 31.64 6.52
CA PRO A 123 -0.53 32.37 6.25
C PRO A 123 -0.31 33.86 6.01
N GLY A 124 -0.60 34.31 4.80
CA GLY A 124 -0.43 35.68 4.43
C GLY A 124 -1.57 36.18 3.58
N PRO A 125 -1.48 37.42 3.11
CA PRO A 125 -2.59 37.97 2.30
C PRO A 125 -2.84 37.20 1.01
N LYS A 126 -1.81 36.59 0.43
CA LYS A 126 -2.00 35.79 -0.78
C LYS A 126 -2.86 34.57 -0.54
N PHE A 127 -3.07 34.19 0.72
CA PHE A 127 -3.91 33.04 1.06
C PHE A 127 -5.13 33.46 1.89
N GLY A 128 -5.44 34.76 1.90
CA GLY A 128 -6.65 35.24 2.55
C GLY A 128 -6.69 35.04 4.04
N ALA A 129 -5.52 34.99 4.69
CA ALA A 129 -5.46 34.74 6.12
C ALA A 129 -4.24 35.42 6.71
N SER A 130 -4.22 35.50 8.04
CA SER A 130 -3.08 36.01 8.79
C SER A 130 -2.76 35.04 9.92
N ALA A 131 -1.49 35.00 10.28
CA ALA A 131 -1.08 34.13 11.37
C ALA A 131 -1.60 34.66 12.70
N VAL A 132 -2.07 33.74 13.56
CA VAL A 132 -2.39 34.09 14.93
C VAL A 132 -1.15 34.57 15.67
N ASN A 133 0.02 34.39 15.06
CA ASN A 133 1.34 34.90 15.42
C ASN A 133 2.12 33.85 16.22
N GLY A 134 2.95 33.09 15.52
CA GLY A 134 3.81 32.12 16.18
C GLY A 134 3.98 30.82 15.43
N GLY A 135 4.97 30.04 15.83
CA GLY A 135 5.15 28.73 15.26
C GLY A 135 4.09 27.77 15.76
N CYS A 136 4.38 26.47 15.60
CA CYS A 136 3.35 25.47 15.83
C CYS A 136 3.49 24.79 17.18
N CYS A 137 4.33 23.75 17.24
CA CYS A 137 4.55 22.94 18.41
C CYS A 137 5.96 22.37 18.34
N ASN A 138 6.66 22.40 19.46
CA ASN A 138 8.02 21.89 19.53
C ASN A 138 8.00 20.36 19.46
N THR A 139 9.15 19.75 19.74
CA THR A 139 9.26 18.29 19.72
C THR A 139 8.38 17.70 20.82
N GLY A 140 7.61 16.67 20.46
CA GLY A 140 6.75 16.01 21.41
C GLY A 140 5.50 16.77 21.81
N VAL A 141 5.26 17.95 21.23
CA VAL A 141 4.08 18.74 21.52
C VAL A 141 3.05 18.46 20.43
N GLU A 142 1.91 17.90 20.82
CA GLU A 142 0.88 17.49 19.89
C GLU A 142 -0.13 18.62 19.68
N GLN A 143 -0.62 18.72 18.44
CA GLN A 143 -1.77 19.57 18.13
C GLN A 143 -2.62 18.82 17.13
N LEU A 144 -3.84 18.50 17.52
CA LEU A 144 -4.73 17.70 16.68
C LEU A 144 -5.25 18.53 15.52
N LEU A 145 -5.38 17.88 14.36
CA LEU A 145 -5.83 18.51 13.12
C LEU A 145 -6.98 17.69 12.56
N SER A 146 -7.96 18.38 11.97
CA SER A 146 -9.10 17.67 11.40
C SER A 146 -9.74 18.53 10.32
N PHE A 147 -10.30 17.85 9.31
CA PHE A 147 -11.09 18.53 8.31
C PHE A 147 -12.44 18.93 8.89
N THR A 148 -12.83 20.19 8.71
CA THR A 148 -14.11 20.67 9.18
C THR A 148 -15.13 20.83 8.06
N ASP A 149 -14.69 20.77 6.80
CA ASP A 149 -15.60 20.89 5.67
C ASP A 149 -14.96 20.18 4.49
N THR A 150 -15.59 19.08 4.06
CA THR A 150 -15.13 18.30 2.92
C THR A 150 -16.04 18.44 1.72
N SER A 151 -16.95 19.42 1.73
CA SER A 151 -17.95 19.56 0.67
C SER A 151 -17.34 20.02 -0.66
N ASP A 152 -16.11 20.50 -0.67
CA ASP A 152 -15.47 20.91 -1.91
C ASP A 152 -14.77 19.76 -2.62
N PHE A 153 -14.61 18.61 -1.96
CA PHE A 153 -13.98 17.43 -2.55
C PHE A 153 -14.68 16.19 -2.01
N PRO A 154 -15.97 16.02 -2.34
CA PRO A 154 -16.75 14.94 -1.70
C PRO A 154 -16.32 13.55 -2.15
N THR A 155 -15.79 13.39 -3.37
CA THR A 155 -15.37 12.07 -3.80
C THR A 155 -14.07 11.61 -3.14
N ALA A 156 -13.42 12.49 -2.37
CA ALA A 156 -12.21 12.08 -1.67
C ALA A 156 -12.50 11.08 -0.55
N GLY A 157 -13.74 11.04 -0.06
CA GLY A 157 -14.10 10.04 0.92
C GLY A 157 -13.50 10.25 2.29
N LEU A 158 -13.08 11.46 2.62
CA LEU A 158 -12.52 11.74 3.93
C LEU A 158 -13.65 12.01 4.91
N LYS A 159 -13.56 11.39 6.10
CA LYS A 159 -14.58 11.55 7.12
C LYS A 159 -14.32 12.83 7.92
N THR A 160 -15.28 13.74 7.90
CA THR A 160 -15.15 15.04 8.54
C THR A 160 -15.04 14.89 10.05
N GLY A 161 -14.18 15.72 10.66
CA GLY A 161 -14.07 15.79 12.10
C GLY A 161 -13.11 14.80 12.73
N ALA A 162 -12.61 13.83 11.97
CA ALA A 162 -11.69 12.85 12.53
C ALA A 162 -10.32 13.49 12.72
N THR A 163 -9.80 13.44 13.94
CA THR A 163 -8.56 14.13 14.27
C THR A 163 -7.35 13.29 13.88
N VAL A 164 -6.32 13.97 13.38
CA VAL A 164 -5.03 13.37 13.08
C VAL A 164 -3.94 14.19 13.77
N SER A 165 -2.72 13.64 13.76
CA SER A 165 -1.62 14.24 14.50
C SER A 165 -0.77 15.14 13.61
N THR A 166 -0.35 16.27 14.16
CA THR A 166 0.58 17.17 13.48
C THR A 166 1.97 17.12 14.07
N GLU A 167 2.22 16.25 15.04
CA GLU A 167 3.50 16.19 15.71
C GLU A 167 4.61 15.92 14.70
N GLY A 168 5.62 16.79 14.69
CA GLY A 168 6.71 16.70 13.75
C GLY A 168 6.52 17.52 12.49
N LEU A 169 5.32 17.99 12.22
CA LEU A 169 5.04 18.83 11.06
C LEU A 169 4.91 20.27 11.53
N TRP A 170 5.82 21.13 11.10
CA TRP A 170 5.73 22.54 11.47
C TRP A 170 4.53 23.18 10.76
N HIS A 171 3.69 23.88 11.53
CA HIS A 171 2.51 24.53 10.98
C HIS A 171 2.37 25.92 11.60
N TYR A 172 1.38 26.68 11.11
CA TYR A 172 1.15 28.05 11.56
C TYR A 172 -0.36 28.25 11.76
N PRO A 173 -0.82 28.26 13.00
CA PRO A 173 -2.24 28.56 13.25
C PRO A 173 -2.61 29.91 12.65
N ALA A 174 -3.73 29.94 11.93
CA ALA A 174 -4.08 31.06 11.08
C ALA A 174 -5.50 31.55 11.38
N THR A 175 -5.81 32.71 10.82
CA THR A 175 -7.13 33.33 10.94
C THR A 175 -7.56 33.87 9.58
N ILE A 176 -8.71 33.41 9.08
CA ILE A 176 -9.24 33.94 7.83
C ILE A 176 -9.59 35.41 8.00
N SER A 177 -9.12 36.25 7.08
CA SER A 177 -9.27 37.69 7.22
C SER A 177 -10.44 38.27 6.44
N ASN A 178 -10.89 37.62 5.37
CA ASN A 178 -12.08 38.07 4.63
C ASN A 178 -12.85 36.81 4.23
N SER A 179 -13.96 36.54 4.91
CA SER A 179 -14.69 35.29 4.70
C SER A 179 -15.50 35.27 3.40
N SER A 180 -15.45 36.34 2.61
CA SER A 180 -16.13 36.38 1.33
C SER A 180 -15.28 35.83 0.19
N ASN A 181 -13.97 35.67 0.38
CA ASN A 181 -13.12 35.05 -0.63
C ASN A 181 -12.34 33.85 -0.11
N THR A 182 -12.43 33.52 1.18
CA THR A 182 -11.65 32.45 1.78
C THR A 182 -12.52 31.70 2.78
N LYS A 183 -12.60 30.38 2.62
CA LYS A 183 -13.29 29.50 3.55
C LYS A 183 -12.30 28.56 4.21
N GLU A 184 -12.67 28.05 5.38
CA GLU A 184 -11.85 27.13 6.14
C GLU A 184 -12.30 25.69 5.88
N ILE A 185 -11.35 24.81 5.59
CA ILE A 185 -11.63 23.40 5.41
C ILE A 185 -10.98 22.51 6.46
N ALA A 186 -9.96 23.00 7.16
CA ALA A 186 -9.30 22.24 8.21
C ALA A 186 -9.01 23.16 9.38
N GLN A 187 -8.85 22.57 10.56
CA GLN A 187 -8.80 23.34 11.79
C GLN A 187 -7.85 22.69 12.78
N PHE A 188 -6.99 23.51 13.39
CA PHE A 188 -6.13 23.04 14.47
C PHE A 188 -6.89 23.06 15.78
N ALA A 189 -6.90 21.93 16.48
CA ALA A 189 -7.55 21.86 17.78
C ALA A 189 -6.71 22.58 18.82
N PRO A 190 -7.33 23.03 19.91
CA PRO A 190 -6.55 23.58 21.02
C PRO A 190 -5.64 22.52 21.62
N ASN A 191 -4.59 22.99 22.30
CA ASN A 191 -3.63 22.08 22.91
C ASN A 191 -2.96 22.76 24.10
N ALA A 192 -1.73 22.33 24.42
CA ALA A 192 -1.03 22.88 25.58
C ALA A 192 -0.54 24.31 25.31
N VAL A 193 -0.22 24.64 24.07
CA VAL A 193 0.27 25.96 23.73
C VAL A 193 -0.87 26.93 23.44
N THR A 194 -1.90 26.47 22.74
CA THR A 194 -3.00 27.31 22.30
C THR A 194 -4.28 26.93 23.04
N SER A 195 -5.04 27.95 23.44
CA SER A 195 -6.29 27.74 24.14
C SER A 195 -7.50 27.69 23.21
N THR A 196 -7.34 28.09 21.96
CA THR A 196 -8.46 28.18 21.03
C THR A 196 -8.11 27.51 19.71
N ALA A 197 -9.14 27.05 19.00
CA ALA A 197 -8.95 26.47 17.69
C ALA A 197 -8.47 27.55 16.71
N SER A 198 -8.00 27.09 15.55
CA SER A 198 -7.46 27.99 14.54
C SER A 198 -7.54 27.33 13.18
N THR A 199 -7.33 28.13 12.14
CA THR A 199 -7.44 27.67 10.76
C THR A 199 -6.17 26.96 10.33
N ALA A 200 -6.33 25.78 9.71
CA ALA A 200 -5.21 24.99 9.25
C ALA A 200 -5.12 24.90 7.73
N ALA A 201 -6.23 24.96 7.01
CA ALA A 201 -6.20 24.95 5.57
C ALA A 201 -7.43 25.70 5.05
N VAL A 202 -7.27 26.34 3.90
CA VAL A 202 -8.31 27.20 3.33
C VAL A 202 -8.48 26.88 1.85
N ILE A 203 -9.59 27.37 1.29
CA ILE A 203 -9.81 27.44 -0.14
C ILE A 203 -10.11 28.88 -0.51
N ASN A 204 -9.37 29.41 -1.47
CA ASN A 204 -9.51 30.80 -1.89
C ASN A 204 -10.27 30.88 -3.20
N ASN A 205 -11.08 31.92 -3.33
CA ASN A 205 -11.71 32.27 -4.61
C ASN A 205 -11.42 33.76 -4.81
N PHE A 206 -10.38 34.06 -5.59
CA PHE A 206 -9.96 35.44 -5.82
C PHE A 206 -10.47 35.87 -7.20
N ASP A 207 -11.74 36.25 -7.25
CA ASP A 207 -12.40 36.69 -8.48
C ASP A 207 -12.22 35.68 -9.61
N GLY A 208 -12.53 34.42 -9.31
CA GLY A 208 -12.47 33.35 -10.27
C GLY A 208 -11.29 32.41 -10.09
N ARG A 209 -10.17 32.91 -9.56
CA ARG A 209 -8.99 32.09 -9.34
C ARG A 209 -9.17 31.26 -8.09
N GLU A 210 -9.13 29.94 -8.22
CA GLU A 210 -9.38 29.02 -7.12
C GLU A 210 -8.08 28.42 -6.63
N GLN A 211 -7.91 28.40 -5.31
CA GLN A 211 -6.65 27.99 -4.70
C GLN A 211 -6.95 27.27 -3.40
N MET A 212 -6.17 26.22 -3.11
CA MET A 212 -6.24 25.51 -1.84
C MET A 212 -4.88 25.64 -1.16
N ALA A 213 -4.87 26.16 0.07
CA ALA A 213 -3.65 26.48 0.78
C ALA A 213 -3.60 25.73 2.11
N PHE A 214 -2.48 25.06 2.37
CA PHE A 214 -2.26 24.31 3.60
C PHE A 214 -1.19 25.01 4.43
N PHE A 215 -1.56 25.46 5.63
CA PHE A 215 -0.64 26.11 6.55
C PHE A 215 0.14 25.11 7.40
N ILE A 216 0.57 24.00 6.81
CA ILE A 216 1.32 22.97 7.51
C ILE A 216 2.26 22.32 6.50
N GLY A 217 3.41 21.85 7.00
CA GLY A 217 4.35 21.17 6.14
C GLY A 217 3.89 19.77 5.79
N PHE A 218 4.40 19.26 4.66
CA PHE A 218 4.11 17.91 4.20
C PHE A 218 5.38 17.07 4.19
N ALA A 219 5.23 15.77 4.50
CA ALA A 219 6.36 14.85 4.54
C ALA A 219 5.79 13.45 4.35
N THR A 220 5.45 13.13 3.09
CA THR A 220 4.86 11.83 2.77
C THR A 220 5.83 10.68 3.00
N ASP A 221 7.12 10.95 3.21
CA ASP A 221 8.09 9.87 3.41
C ASP A 221 7.92 9.21 4.77
N TRP A 222 7.60 9.99 5.81
CA TRP A 222 7.46 9.42 7.15
C TRP A 222 6.13 9.69 7.83
N SER A 223 5.37 10.70 7.41
CA SER A 223 4.18 11.13 8.14
C SER A 223 2.94 10.47 7.55
N ALA A 224 2.22 9.72 8.39
CA ALA A 224 0.92 9.20 7.97
C ALA A 224 -0.09 10.33 7.79
N THR A 225 -0.01 11.37 8.62
CA THR A 225 -0.91 12.50 8.49
C THR A 225 -0.81 13.14 7.11
N SER A 226 0.42 13.33 6.61
CA SER A 226 0.61 13.90 5.28
C SER A 226 -0.02 13.03 4.21
N ASN A 227 0.16 11.70 4.31
CA ASN A 227 -0.49 10.79 3.38
C ASN A 227 -2.01 10.79 3.52
N TYR A 228 -2.54 11.22 4.66
CA TYR A 228 -3.98 11.38 4.82
C TYR A 228 -4.46 12.67 4.17
N LEU A 229 -3.75 13.78 4.43
CA LEU A 229 -4.18 15.07 3.93
C LEU A 229 -4.14 15.15 2.41
N GLN A 230 -3.19 14.45 1.78
CA GLN A 230 -2.95 14.66 0.35
C GLN A 230 -4.16 14.29 -0.48
N HIS A 231 -5.03 13.41 0.02
CA HIS A 231 -6.22 13.02 -0.73
C HIS A 231 -7.22 14.16 -0.85
N ALA A 232 -7.13 15.16 0.03
CA ALA A 232 -8.01 16.32 -0.11
C ALA A 232 -7.60 17.18 -1.30
N TRP A 233 -6.32 17.56 -1.36
CA TRP A 233 -5.92 18.49 -2.42
C TRP A 233 -5.80 17.81 -3.77
N ILE A 234 -5.52 16.51 -3.81
CA ILE A 234 -5.50 15.79 -5.09
C ILE A 234 -6.91 15.71 -5.67
N THR A 235 -7.89 15.31 -4.85
CA THR A 235 -9.27 15.22 -5.32
C THR A 235 -9.81 16.58 -5.72
N TRP A 236 -9.47 17.61 -4.96
CA TRP A 236 -9.94 18.96 -5.29
C TRP A 236 -9.25 19.49 -6.54
N LEU A 237 -7.94 19.27 -6.66
CA LEU A 237 -7.21 19.79 -7.81
C LEU A 237 -7.70 19.18 -9.12
N THR A 238 -8.11 17.92 -9.10
CA THR A 238 -8.56 17.23 -10.30
C THR A 238 -10.08 17.25 -10.46
N ARG A 239 -10.80 17.86 -9.52
CA ARG A 239 -12.26 17.82 -9.48
C ARG A 239 -12.81 16.39 -9.47
N GLY A 240 -12.02 15.42 -9.00
CA GLY A 240 -12.42 14.03 -9.03
C GLY A 240 -12.34 13.35 -10.38
N LEU A 241 -11.75 14.00 -11.38
CA LEU A 241 -11.67 13.47 -12.73
C LEU A 241 -10.20 13.44 -13.16
N TYR A 242 -9.68 12.26 -13.44
CA TYR A 242 -8.25 12.11 -13.70
C TYR A 242 -7.98 10.73 -14.28
N ALA A 243 -6.83 10.62 -14.93
CA ALA A 243 -6.30 9.32 -15.35
C ALA A 243 -5.62 8.70 -14.13
N GLY A 244 -6.30 7.77 -13.49
CA GLY A 244 -5.73 7.17 -12.31
C GLY A 244 -6.70 6.20 -11.68
N HIS A 245 -6.40 5.82 -10.42
CA HIS A 245 -7.10 4.74 -9.75
C HIS A 245 -6.76 4.71 -8.26
N ARG A 246 -7.78 4.80 -7.40
CA ARG A 246 -7.61 4.81 -5.95
C ARG A 246 -8.15 3.51 -5.36
N ARG A 247 -7.26 2.60 -4.99
CA ARG A 247 -7.65 1.34 -4.37
C ARG A 247 -6.70 1.05 -3.21
N VAL A 248 -7.25 0.52 -2.11
CA VAL A 248 -6.46 0.10 -0.96
C VAL A 248 -6.66 -1.41 -0.79
N ASN A 249 -5.57 -2.16 -0.90
CA ASN A 249 -5.60 -3.60 -0.69
C ASN A 249 -5.08 -3.94 0.71
N LEU A 250 -5.75 -4.87 1.37
CA LEU A 250 -5.33 -5.35 2.68
C LEU A 250 -5.11 -6.86 2.58
N ASN A 251 -3.88 -7.24 2.23
CA ASN A 251 -3.49 -8.64 2.11
C ASN A 251 -2.62 -9.02 3.31
N THR A 252 -3.08 -10.00 4.09
CA THR A 252 -2.37 -10.44 5.30
C THR A 252 -2.03 -11.92 5.13
N GLN A 253 -0.74 -12.22 4.93
CA GLN A 253 -0.29 -13.57 4.65
C GLN A 253 0.24 -14.24 5.91
N ILE A 254 -0.12 -15.51 6.10
CA ILE A 254 0.24 -16.29 7.27
C ILE A 254 1.21 -17.37 6.82
N ASP A 255 2.50 -17.18 7.13
CA ASP A 255 3.52 -18.14 6.74
C ASP A 255 3.57 -19.30 7.73
N ASP A 256 4.21 -20.39 7.30
CA ASP A 256 4.60 -21.50 8.17
C ASP A 256 3.42 -22.35 8.62
N MET A 257 2.32 -22.36 7.87
CA MET A 257 1.18 -23.20 8.25
C MET A 257 1.56 -24.67 8.15
N PHE A 258 1.16 -25.44 9.18
CA PHE A 258 1.43 -26.84 9.43
C PHE A 258 2.79 -27.05 10.07
N LEU A 259 3.62 -26.02 10.21
CA LEU A 259 4.92 -26.14 10.86
C LEU A 259 4.80 -25.86 12.35
N VAL A 260 5.83 -26.28 13.09
CA VAL A 260 6.03 -25.92 14.49
C VAL A 260 7.14 -24.88 14.54
N THR A 261 6.89 -23.78 15.25
CA THR A 261 7.88 -22.72 15.38
C THR A 261 8.27 -22.59 16.85
N ASP A 262 9.55 -22.28 17.09
CA ASP A 262 10.04 -22.10 18.44
C ASP A 262 9.67 -20.70 18.94
N ILE A 263 9.01 -20.64 20.08
CA ILE A 263 8.55 -19.37 20.64
C ILE A 263 9.72 -18.64 21.28
N TYR A 264 9.65 -17.30 21.27
CA TYR A 264 10.77 -16.46 21.67
C TYR A 264 10.83 -16.21 23.18
N TYR A 265 9.75 -15.70 23.78
CA TYR A 265 9.85 -15.24 25.17
C TYR A 265 9.94 -16.41 26.15
N PRO A 266 8.94 -17.29 26.27
CA PRO A 266 9.17 -18.49 27.10
C PRO A 266 10.11 -19.42 26.35
N ASN A 267 11.41 -19.16 26.47
CA ASN A 267 12.40 -19.88 25.68
C ASN A 267 12.30 -21.38 25.90
N GLY A 268 12.53 -22.15 24.83
CA GLY A 268 12.41 -23.59 24.87
C GLY A 268 11.01 -24.12 24.63
N SER A 269 10.03 -23.25 24.45
CA SER A 269 8.66 -23.67 24.17
C SER A 269 8.39 -23.61 22.68
N THR A 270 7.49 -24.48 22.22
CA THR A 270 7.11 -24.56 20.82
C THR A 270 5.60 -24.45 20.70
N PHE A 271 5.16 -23.93 19.56
CA PHE A 271 3.73 -23.82 19.30
C PHE A 271 3.40 -24.25 17.87
N ARG A 272 2.29 -24.96 17.73
CA ARG A 272 1.69 -25.30 16.44
C ARG A 272 0.21 -25.02 16.52
N ILE A 273 -0.29 -24.21 15.59
CA ILE A 273 -1.69 -23.78 15.59
C ILE A 273 -2.60 -25.00 15.65
N THR A 274 -3.75 -24.86 16.33
CA THR A 274 -4.65 -25.98 16.51
C THR A 274 -5.96 -25.74 15.76
N VAL A 275 -6.81 -26.78 15.77
CA VAL A 275 -8.13 -26.67 15.14
C VAL A 275 -9.00 -25.66 15.89
N GLU A 276 -8.92 -25.65 17.22
CA GLU A 276 -9.70 -24.68 17.99
C GLU A 276 -9.25 -23.26 17.68
N ASP A 277 -7.93 -23.04 17.58
CA ASP A 277 -7.40 -21.75 17.16
C ASP A 277 -8.00 -21.32 15.83
N MET A 278 -7.98 -22.22 14.84
CA MET A 278 -8.45 -21.86 13.50
C MET A 278 -9.95 -21.60 13.48
N ASN A 279 -10.73 -22.33 14.29
CA ASN A 279 -12.16 -22.05 14.37
C ASN A 279 -12.40 -20.64 14.89
N GLY A 280 -11.55 -20.17 15.81
CA GLY A 280 -11.67 -18.80 16.27
C GLY A 280 -11.38 -17.78 15.18
N ILE A 281 -10.36 -18.05 14.37
CA ILE A 281 -10.04 -17.15 13.26
C ILE A 281 -11.16 -17.15 12.23
N SER A 282 -11.72 -18.32 11.93
CA SER A 282 -12.79 -18.39 10.94
C SER A 282 -14.01 -17.59 11.38
N ALA A 283 -14.42 -17.76 12.64
CA ALA A 283 -15.58 -17.04 13.14
C ALA A 283 -15.34 -15.54 13.15
N TRP A 284 -14.08 -15.12 13.23
CA TRP A 284 -13.74 -13.71 13.34
C TRP A 284 -13.67 -13.00 12.00
N VAL A 285 -13.50 -13.74 10.90
CA VAL A 285 -13.38 -13.11 9.59
C VAL A 285 -14.65 -12.35 9.20
N PRO A 286 -15.86 -12.93 9.30
CA PRO A 286 -17.06 -12.11 9.04
C PRO A 286 -17.22 -10.97 10.03
N THR A 287 -16.73 -11.13 11.26
CA THR A 287 -16.85 -10.06 12.25
C THR A 287 -16.08 -8.82 11.83
N ILE A 288 -14.83 -8.99 11.39
CA ILE A 288 -14.02 -7.86 10.99
C ILE A 288 -14.48 -7.32 9.64
N ASN A 289 -15.06 -8.18 8.79
CA ASN A 289 -15.61 -7.70 7.53
C ASN A 289 -16.74 -6.72 7.75
N ALA A 290 -17.63 -7.01 8.71
CA ALA A 290 -18.74 -6.12 9.01
C ALA A 290 -18.29 -4.81 9.68
N LYS A 291 -17.01 -4.67 10.02
CA LYS A 291 -16.50 -3.41 10.53
C LYS A 291 -15.98 -2.48 9.44
N MET A 292 -15.90 -2.97 8.21
CA MET A 292 -15.29 -2.20 7.14
C MET A 292 -16.37 -1.42 6.38
N ASN A 293 -15.93 -0.39 5.67
CA ASN A 293 -16.84 0.43 4.90
C ASN A 293 -17.49 -0.42 3.80
N PRO A 294 -18.65 0.00 3.31
CA PRO A 294 -19.31 -0.75 2.24
C PRO A 294 -18.39 -0.96 1.04
N GLY A 295 -18.57 -2.09 0.37
CA GLY A 295 -17.75 -2.44 -0.75
C GLY A 295 -16.50 -3.21 -0.39
N SER A 296 -16.22 -3.41 0.90
CA SER A 296 -15.03 -4.10 1.33
C SER A 296 -15.18 -5.61 1.17
N SER A 297 -14.05 -6.29 1.30
CA SER A 297 -13.98 -7.74 1.16
C SER A 297 -12.62 -8.23 1.65
N TYR A 298 -12.57 -8.78 2.86
CA TYR A 298 -11.31 -9.19 3.47
C TYR A 298 -11.30 -10.69 3.71
N PHE A 299 -10.14 -11.31 3.43
CA PHE A 299 -9.91 -12.70 3.82
C PHE A 299 -8.44 -12.88 4.15
N VAL A 300 -8.13 -14.00 4.79
CA VAL A 300 -6.79 -14.30 5.26
C VAL A 300 -6.15 -15.33 4.34
N GLU A 301 -4.96 -15.02 3.83
CA GLU A 301 -4.23 -15.89 2.92
C GLU A 301 -3.12 -16.63 3.66
N VAL A 302 -3.01 -17.93 3.39
CA VAL A 302 -2.18 -18.84 4.18
C VAL A 302 -1.13 -19.47 3.27
N GLY A 303 0.12 -19.52 3.76
CA GLY A 303 1.19 -20.20 3.07
C GLY A 303 1.53 -21.49 3.79
N HIS A 304 1.41 -22.61 3.06
CA HIS A 304 1.48 -23.94 3.65
C HIS A 304 2.86 -24.56 3.44
N ASN A 305 3.26 -25.39 4.41
CA ASN A 305 4.43 -26.26 4.29
C ASN A 305 3.94 -27.69 4.42
N GLY A 306 3.85 -28.40 3.29
CA GLY A 306 3.28 -29.74 3.31
C GLY A 306 4.02 -30.71 4.21
N ASN A 307 5.35 -30.56 4.34
CA ASN A 307 6.11 -31.50 5.15
C ASN A 307 5.70 -31.43 6.61
N GLY A 308 5.24 -30.27 7.08
CA GLY A 308 4.72 -30.17 8.42
C GLY A 308 3.48 -31.02 8.64
N ASN A 309 2.73 -31.28 7.56
CA ASN A 309 1.58 -32.17 7.66
C ASN A 309 2.03 -33.63 7.78
N ILE A 310 3.04 -34.03 7.02
CA ILE A 310 3.51 -35.40 7.09
C ILE A 310 4.18 -35.67 8.42
N GLU A 311 4.96 -34.70 8.93
CA GLU A 311 5.68 -34.92 10.17
C GLU A 311 4.72 -35.04 11.36
N GLN A 312 3.64 -34.25 11.35
CA GLN A 312 2.65 -34.37 12.41
C GLN A 312 1.95 -35.72 12.38
N SER A 313 1.55 -36.18 11.19
CA SER A 313 0.94 -37.50 11.09
C SER A 313 1.91 -38.59 11.53
N SER A 314 3.20 -38.40 11.27
CA SER A 314 4.22 -39.36 11.66
C SER A 314 4.70 -39.18 13.09
N SER A 315 4.02 -38.34 13.87
CA SER A 315 4.46 -38.08 15.24
C SER A 315 4.33 -39.29 16.15
N THR A 316 3.46 -40.25 15.82
CA THR A 316 3.31 -41.48 16.57
C THR A 316 3.91 -42.64 15.78
N ASP A 317 4.07 -43.78 16.47
CA ASP A 317 4.69 -44.94 15.84
C ASP A 317 3.81 -45.49 14.72
N ALA A 318 2.52 -45.70 15.00
CA ALA A 318 1.61 -46.19 13.96
C ALA A 318 1.42 -45.16 12.86
N GLY A 319 1.44 -43.87 13.20
CA GLY A 319 1.32 -42.86 12.17
C GLY A 319 2.52 -42.81 11.24
N ALA A 320 3.71 -43.02 11.79
CA ALA A 320 4.90 -43.06 10.96
C ALA A 320 4.86 -44.22 9.97
N ALA A 321 4.36 -45.38 10.42
CA ALA A 321 4.20 -46.53 9.52
C ALA A 321 3.21 -46.21 8.40
N ALA A 322 2.24 -45.34 8.67
CA ALA A 322 1.28 -44.93 7.65
C ALA A 322 1.81 -43.84 6.73
N CYS A 323 3.00 -43.30 7.01
CA CYS A 323 3.56 -42.20 6.23
C CYS A 323 4.96 -42.53 5.74
N ASN A 324 5.19 -43.79 5.38
CA ASN A 324 6.48 -44.24 4.83
C ASN A 324 7.65 -43.96 5.77
N GLY A 325 7.40 -43.96 7.08
CA GLY A 325 8.44 -43.69 8.05
C GLY A 325 8.54 -42.25 8.49
N GLY A 326 7.92 -41.31 7.78
CA GLY A 326 7.93 -39.92 8.14
C GLY A 326 8.14 -39.05 6.93
N GLY A 327 8.30 -37.75 7.17
CA GLY A 327 8.51 -36.77 6.12
C GLY A 327 9.99 -36.57 5.81
N ILE A 328 10.28 -35.48 5.11
CA ILE A 328 11.65 -35.16 4.72
C ILE A 328 12.40 -34.62 5.92
N GLU A 329 13.58 -35.17 6.18
CA GLU A 329 14.35 -34.83 7.36
C GLU A 329 15.81 -34.62 6.98
N TYR A 330 16.40 -33.55 7.51
CA TYR A 330 17.78 -33.19 7.23
C TYR A 330 18.25 -32.22 8.30
N ASP A 331 19.56 -31.98 8.33
CA ASP A 331 20.15 -31.00 9.24
C ASP A 331 20.31 -29.67 8.52
N SER A 332 19.83 -28.61 9.14
CA SER A 332 19.89 -27.29 8.52
C SER A 332 21.29 -26.72 8.65
N PRO A 333 21.85 -26.15 7.58
CA PRO A 333 23.16 -25.52 7.67
C PRO A 333 23.05 -24.16 8.32
N PRO A 334 24.14 -23.62 8.88
CA PRO A 334 24.09 -22.25 9.41
C PRO A 334 23.70 -21.26 8.32
N ASP A 335 22.92 -20.26 8.71
CA ASP A 335 22.39 -19.31 7.73
C ASP A 335 23.53 -18.56 7.05
N THR A 336 23.41 -18.43 5.73
CA THR A 336 24.33 -17.59 4.97
C THR A 336 24.11 -16.14 5.34
N PRO A 337 25.08 -15.26 5.05
CA PRO A 337 24.83 -13.82 5.18
C PRO A 337 23.62 -13.42 4.37
N LEU A 338 22.91 -12.41 4.87
CA LEU A 338 21.77 -11.87 4.11
C LEU A 338 22.25 -11.40 2.74
N GLU A 339 21.36 -11.51 1.75
CA GLU A 339 21.65 -11.11 0.37
C GLU A 339 22.80 -11.94 -0.24
N PHE A 340 23.04 -13.14 0.26
CA PHE A 340 24.12 -13.96 -0.27
C PHE A 340 23.76 -14.51 -1.65
N LYS A 341 24.57 -14.17 -2.65
CA LYS A 341 24.38 -14.67 -4.01
C LYS A 341 25.20 -15.95 -4.18
N LYS A 342 24.51 -17.07 -4.35
CA LYS A 342 25.20 -18.34 -4.49
C LYS A 342 25.82 -18.47 -5.88
N PRO A 343 27.09 -18.82 -5.98
CA PRO A 343 27.67 -19.11 -7.30
C PRO A 343 26.94 -20.27 -7.95
N LEU A 344 26.53 -20.06 -9.20
CA LEU A 344 25.73 -21.06 -9.90
C LEU A 344 26.49 -22.37 -10.03
N GLY A 345 25.77 -23.48 -9.82
CA GLY A 345 26.33 -24.80 -9.98
C GLY A 345 26.92 -25.42 -8.72
N THR A 346 27.03 -24.67 -7.64
CA THR A 346 27.63 -25.15 -6.41
C THR A 346 26.54 -25.60 -5.44
N GLY A 347 26.95 -25.91 -4.20
CA GLY A 347 26.05 -26.36 -3.17
C GLY A 347 26.06 -27.87 -3.02
N THR A 348 25.35 -28.34 -1.99
CA THR A 348 25.24 -29.77 -1.69
C THR A 348 23.79 -30.10 -1.35
N ASP A 349 23.31 -31.21 -1.89
CA ASP A 349 21.93 -31.63 -1.63
C ASP A 349 21.75 -31.98 -0.16
N LEU A 350 20.62 -31.55 0.41
CA LEU A 350 20.24 -31.94 1.76
C LEU A 350 19.12 -32.97 1.80
N TRP A 351 18.33 -33.09 0.74
CA TRP A 351 17.19 -33.98 0.76
C TRP A 351 17.65 -35.44 0.86
N PRO A 352 16.91 -36.29 1.57
CA PRO A 352 17.21 -37.72 1.54
C PRO A 352 17.11 -38.25 0.13
N SER A 353 18.01 -39.18 -0.20
CA SER A 353 18.05 -39.74 -1.53
C SER A 353 16.88 -40.65 -1.83
N THR A 354 16.23 -41.22 -0.79
CA THR A 354 15.22 -42.24 -1.04
C THR A 354 13.94 -41.66 -1.66
N PRO A 355 13.25 -40.67 -1.03
CA PRO A 355 12.03 -40.15 -1.66
C PRO A 355 12.34 -39.23 -2.83
N THR A 356 12.21 -39.74 -4.05
CA THR A 356 12.44 -38.93 -5.25
C THR A 356 11.18 -38.23 -5.74
N THR A 357 10.01 -38.67 -5.30
CA THR A 357 8.73 -38.11 -5.72
C THR A 357 7.78 -38.19 -4.54
N TYR A 358 6.91 -37.19 -4.42
CA TYR A 358 5.87 -37.22 -3.40
C TYR A 358 5.08 -38.53 -3.49
N ASP A 359 5.13 -39.32 -2.41
CA ASP A 359 4.56 -40.66 -2.43
C ASP A 359 3.82 -40.99 -1.14
N TRP A 360 3.24 -40.01 -0.48
CA TRP A 360 2.54 -40.26 0.77
C TRP A 360 1.05 -40.48 0.53
N THR A 361 0.46 -41.29 1.39
CA THR A 361 -0.94 -41.68 1.27
C THR A 361 -1.87 -40.53 1.68
N VAL A 362 -3.06 -40.51 1.06
CA VAL A 362 -4.12 -39.64 1.56
C VAL A 362 -4.43 -39.97 3.01
N ALA A 363 -4.53 -41.27 3.34
CA ALA A 363 -4.78 -41.67 4.71
C ALA A 363 -3.68 -41.18 5.66
N CYS A 364 -2.44 -41.12 5.19
CA CYS A 364 -1.37 -40.54 5.99
C CYS A 364 -1.68 -39.09 6.33
N THR A 365 -1.99 -38.27 5.32
CA THR A 365 -2.23 -36.85 5.57
C THR A 365 -3.44 -36.63 6.48
N GLN A 366 -4.44 -37.51 6.40
CA GLN A 366 -5.65 -37.35 7.20
C GLN A 366 -5.43 -37.56 8.69
N LEU A 367 -4.30 -38.15 9.11
CA LEU A 367 -4.03 -38.33 10.54
C LEU A 367 -3.77 -37.02 11.26
N ASP A 368 -3.61 -35.90 10.55
CA ASP A 368 -3.39 -34.59 11.13
C ASP A 368 -4.75 -33.89 11.28
N ASP A 369 -5.13 -33.61 12.54
CA ASP A 369 -6.40 -32.92 12.79
C ASP A 369 -6.44 -31.57 12.09
N LEU A 370 -5.30 -30.89 12.02
CA LEU A 370 -5.24 -29.59 11.36
C LEU A 370 -5.47 -29.72 9.85
N LEU A 371 -5.00 -30.82 9.26
CA LEU A 371 -5.22 -31.02 7.83
C LEU A 371 -6.69 -31.28 7.52
N ARG A 372 -7.32 -32.21 8.26
CA ARG A 372 -8.72 -32.48 8.04
C ARG A 372 -9.57 -31.24 8.19
N TRP A 373 -9.16 -30.30 9.05
CA TRP A 373 -9.86 -29.02 9.14
C TRP A 373 -9.63 -28.20 7.88
N TRP A 374 -8.38 -28.06 7.44
CA TRP A 374 -8.09 -27.23 6.27
C TRP A 374 -8.72 -27.82 5.01
N THR A 375 -8.78 -29.14 4.91
CA THR A 375 -9.33 -29.78 3.71
C THR A 375 -10.86 -29.74 3.68
N THR A 376 -11.52 -29.43 4.78
CA THR A 376 -12.96 -29.25 4.79
C THR A 376 -13.33 -28.08 3.90
N PRO A 377 -14.19 -28.26 2.89
CA PRO A 377 -14.39 -27.19 1.91
C PRO A 377 -14.84 -25.87 2.52
N ALA A 378 -15.74 -25.92 3.52
CA ALA A 378 -16.21 -24.68 4.13
C ALA A 378 -15.08 -23.90 4.77
N ASN A 379 -14.07 -24.59 5.30
CA ASN A 379 -12.91 -23.92 5.87
C ASN A 379 -11.91 -23.50 4.79
N ARG A 380 -11.60 -24.43 3.88
CA ARG A 380 -10.64 -24.12 2.81
C ARG A 380 -11.08 -22.91 2.01
N ASP A 381 -12.35 -22.85 1.63
CA ASP A 381 -12.82 -21.81 0.73
C ASP A 381 -13.02 -20.46 1.41
N ALA A 382 -12.83 -20.38 2.73
CA ALA A 382 -12.91 -19.10 3.40
C ALA A 382 -11.57 -18.38 3.48
N PHE A 383 -10.48 -19.04 3.10
CA PHE A 383 -9.14 -18.47 3.19
C PHE A 383 -8.45 -18.52 1.83
N GLY A 384 -7.39 -17.72 1.71
CA GLY A 384 -6.50 -17.84 0.57
C GLY A 384 -5.39 -18.86 0.82
N HIS A 385 -4.85 -19.40 -0.27
CA HIS A 385 -3.87 -20.47 -0.17
C HIS A 385 -2.75 -20.27 -1.17
N ILE A 386 -1.51 -20.48 -0.71
CA ILE A 386 -0.34 -20.36 -1.56
C ILE A 386 0.75 -21.25 -0.97
N SER A 387 1.71 -21.65 -1.81
CA SER A 387 2.77 -22.54 -1.37
C SER A 387 3.88 -21.77 -0.65
N HIS A 388 4.39 -22.38 0.42
CA HIS A 388 5.52 -21.84 1.19
C HIS A 388 6.68 -22.83 1.20
N THR A 389 6.81 -23.61 0.11
CA THR A 389 7.73 -24.74 -0.06
C THR A 389 7.38 -25.91 0.84
N PHE A 390 7.91 -27.10 0.51
CA PHE A 390 7.48 -28.31 1.18
C PHE A 390 8.07 -28.41 2.58
N THR A 391 9.40 -28.35 2.70
CA THR A 391 10.08 -28.58 3.96
C THR A 391 10.55 -27.29 4.62
N HIS A 392 10.33 -26.14 3.99
CA HIS A 392 10.81 -24.84 4.48
C HIS A 392 12.33 -24.76 4.49
N GLU A 393 12.98 -25.48 3.57
CA GLU A 393 14.43 -25.42 3.45
C GLU A 393 14.87 -24.05 2.97
N GLU A 394 15.85 -23.47 3.66
CA GLU A 394 16.43 -22.21 3.24
C GLU A 394 17.23 -22.42 1.95
N GLN A 395 17.06 -21.50 1.00
CA GLN A 395 17.54 -21.70 -0.36
C GLN A 395 18.65 -20.75 -0.76
N ASN A 396 19.21 -19.98 0.18
CA ASN A 396 20.27 -19.05 -0.16
C ASN A 396 21.49 -19.76 -0.73
N ASN A 397 21.77 -20.98 -0.27
CA ASN A 397 22.93 -21.76 -0.69
C ASN A 397 22.53 -23.17 -1.12
N ALA A 398 21.25 -23.40 -1.36
CA ALA A 398 20.76 -24.72 -1.71
C ALA A 398 21.02 -25.01 -3.19
N THR A 399 20.86 -26.27 -3.56
CA THR A 399 21.06 -26.73 -4.92
C THR A 399 19.78 -26.65 -5.73
N TYR A 400 19.92 -26.78 -7.05
CA TYR A 400 18.74 -26.90 -7.90
C TYR A 400 17.91 -28.11 -7.53
N ALA A 401 18.56 -29.25 -7.28
CA ALA A 401 17.84 -30.48 -6.96
C ALA A 401 17.02 -30.33 -5.69
N ASP A 402 17.58 -29.67 -4.66
CA ASP A 402 16.83 -29.45 -3.43
C ASP A 402 15.63 -28.56 -3.67
N VAL A 403 15.84 -27.41 -4.32
CA VAL A 403 14.75 -26.47 -4.49
C VAL A 403 13.69 -27.01 -5.44
N PHE A 404 14.09 -27.79 -6.45
CA PHE A 404 13.12 -28.38 -7.36
C PHE A 404 12.14 -29.26 -6.61
N LYS A 405 12.64 -30.05 -5.66
CA LYS A 405 11.76 -30.87 -4.83
C LYS A 405 11.00 -30.03 -3.82
N GLU A 406 11.59 -28.92 -3.34
CA GLU A 406 10.89 -28.04 -2.42
C GLU A 406 9.60 -27.51 -3.04
N ILE A 407 9.62 -27.23 -4.34
CA ILE A 407 8.44 -26.71 -5.03
C ILE A 407 7.51 -27.84 -5.47
N SER A 408 8.05 -28.83 -6.18
CA SER A 408 7.20 -29.85 -6.77
C SER A 408 6.49 -30.70 -5.72
N PHE A 409 7.17 -31.05 -4.63
CA PHE A 409 6.53 -31.85 -3.59
C PHE A 409 5.36 -31.10 -2.97
N ASN A 410 5.55 -29.81 -2.68
CA ASN A 410 4.46 -29.03 -2.10
C ASN A 410 3.32 -28.85 -3.10
N GLN A 411 3.63 -28.83 -4.40
CA GLN A 411 2.58 -28.76 -5.40
C GLN A 411 1.76 -30.04 -5.42
N ALA A 412 2.43 -31.20 -5.38
CA ALA A 412 1.71 -32.47 -5.37
C ALA A 412 0.91 -32.63 -4.09
N TRP A 413 1.46 -32.19 -2.96
CA TRP A 413 0.74 -32.23 -1.71
C TRP A 413 -0.50 -31.34 -1.75
N LEU A 414 -0.35 -30.12 -2.26
CA LEU A 414 -1.51 -29.24 -2.41
C LEU A 414 -2.56 -29.84 -3.32
N LYS A 415 -2.14 -30.63 -4.31
CA LYS A 415 -3.10 -31.24 -5.23
C LYS A 415 -3.77 -32.46 -4.60
N GLN A 416 -2.99 -33.33 -3.96
CA GLN A 416 -3.56 -34.52 -3.33
C GLN A 416 -4.52 -34.13 -2.20
N VAL A 417 -4.13 -33.15 -1.40
CA VAL A 417 -4.92 -32.76 -0.25
C VAL A 417 -6.13 -31.90 -0.64
N GLY A 418 -6.12 -31.33 -1.85
CA GLY A 418 -7.26 -30.62 -2.38
C GLY A 418 -7.22 -29.11 -2.22
N LEU A 419 -6.18 -28.57 -1.59
CA LEU A 419 -6.13 -27.14 -1.35
C LEU A 419 -6.05 -26.34 -2.64
N ASP A 420 -5.47 -26.90 -3.70
CA ASP A 420 -5.37 -26.15 -4.95
C ASP A 420 -6.71 -25.96 -5.62
N GLN A 421 -7.78 -26.53 -5.08
CA GLN A 421 -9.13 -26.34 -5.60
C GLN A 421 -9.87 -25.20 -4.91
N ALA A 422 -9.21 -24.50 -4.00
CA ALA A 422 -9.89 -23.47 -3.22
C ALA A 422 -10.33 -22.32 -4.11
N LYS A 423 -11.35 -21.59 -3.63
CA LYS A 423 -11.80 -20.40 -4.33
C LYS A 423 -10.66 -19.41 -4.53
N TRP A 424 -9.85 -19.21 -3.50
CA TRP A 424 -8.74 -18.27 -3.52
C TRP A 424 -7.44 -19.08 -3.42
N PHE A 425 -6.78 -19.25 -4.57
CA PHE A 425 -5.56 -20.04 -4.66
C PHE A 425 -4.59 -19.40 -5.65
N THR A 426 -3.31 -19.45 -5.32
CA THR A 426 -2.24 -18.91 -6.15
C THR A 426 -1.43 -20.06 -6.72
N SER A 427 -1.35 -20.15 -8.04
CA SER A 427 -0.68 -21.26 -8.70
C SER A 427 0.65 -20.88 -9.34
N ASN A 428 0.90 -19.60 -9.57
CA ASN A 428 2.12 -19.15 -10.22
C ASN A 428 3.05 -18.40 -9.28
N GLY A 429 2.79 -18.47 -7.97
CA GLY A 429 3.60 -17.74 -7.01
C GLY A 429 3.77 -18.51 -5.73
N ILE A 430 4.83 -18.16 -5.00
CA ILE A 430 5.13 -18.76 -3.71
C ILE A 430 5.51 -17.66 -2.73
N ILE A 431 5.46 -18.01 -1.45
CA ILE A 431 6.10 -17.22 -0.40
C ILE A 431 7.43 -17.90 -0.10
N PRO A 432 8.55 -17.39 -0.60
CA PRO A 432 9.84 -18.08 -0.43
C PRO A 432 10.16 -18.26 1.04
N PRO A 433 10.76 -19.39 1.42
CA PRO A 433 10.89 -19.72 2.85
C PRO A 433 11.89 -18.78 3.52
N ALA A 434 11.38 -18.01 4.49
CA ALA A 434 12.17 -16.97 5.16
C ALA A 434 12.76 -15.97 4.16
N ILE A 435 12.08 -15.80 3.02
CA ILE A 435 12.53 -14.94 1.93
C ILE A 435 13.97 -15.27 1.58
N THR A 436 14.22 -16.54 1.22
CA THR A 436 15.56 -17.00 0.88
C THR A 436 15.58 -17.55 -0.55
N GLY A 437 16.77 -17.60 -1.12
CA GLY A 437 16.96 -18.05 -2.47
C GLY A 437 16.74 -16.99 -3.53
N LEU A 438 16.37 -15.77 -3.15
CA LEU A 438 16.13 -14.71 -4.11
C LEU A 438 17.42 -14.23 -4.79
N HIS A 439 18.59 -14.66 -4.32
CA HIS A 439 19.85 -14.40 -5.01
C HIS A 439 20.52 -15.68 -5.48
N ASN A 440 19.84 -16.81 -5.32
CA ASN A 440 20.33 -18.10 -5.80
C ASN A 440 19.71 -18.34 -7.18
N GLY A 441 20.52 -18.22 -8.23
CA GLY A 441 20.01 -18.42 -9.57
C GLY A 441 19.49 -19.83 -9.79
N ASP A 442 20.17 -20.84 -9.25
CA ASP A 442 19.73 -22.22 -9.41
C ASP A 442 18.39 -22.45 -8.74
N ALA A 443 18.13 -21.75 -7.63
CA ALA A 443 16.85 -21.87 -6.96
C ALA A 443 15.74 -21.22 -7.77
N LEU A 444 15.98 -19.99 -8.26
CA LEU A 444 14.97 -19.30 -9.06
C LEU A 444 14.63 -20.07 -10.32
N GLN A 445 15.61 -20.76 -10.91
CA GLN A 445 15.33 -21.62 -12.05
C GLN A 445 14.48 -22.81 -11.65
N ALA A 446 14.74 -23.38 -10.47
CA ALA A 446 13.90 -24.47 -9.97
C ALA A 446 12.46 -24.02 -9.79
N TRP A 447 12.26 -22.79 -9.29
CA TRP A 447 10.92 -22.22 -9.25
C TRP A 447 10.34 -22.14 -10.65
N TRP A 448 11.10 -21.57 -11.58
CA TRP A 448 10.58 -21.33 -12.92
C TRP A 448 10.31 -22.61 -13.67
N ASP A 449 11.10 -23.67 -13.42
CA ASP A 449 10.86 -24.94 -14.09
C ASP A 449 9.56 -25.58 -13.64
N ASN A 450 9.06 -25.22 -12.47
CA ASN A 450 7.67 -25.47 -12.10
C ASN A 450 6.86 -24.20 -12.43
N GLY A 451 5.57 -24.22 -12.14
CA GLY A 451 4.73 -23.13 -12.60
C GLY A 451 4.94 -21.75 -11.98
N ILE A 452 6.08 -21.52 -11.31
CA ILE A 452 6.28 -20.33 -10.49
C ILE A 452 6.88 -19.22 -11.35
N ARG A 453 6.24 -18.05 -11.31
CA ARG A 453 6.68 -16.88 -12.05
C ARG A 453 6.87 -15.65 -11.17
N ASN A 454 6.26 -15.61 -9.99
CA ASN A 454 6.34 -14.46 -9.10
C ASN A 454 6.45 -14.95 -7.67
N CYS A 455 6.79 -14.02 -6.78
CA CYS A 455 6.91 -14.37 -5.37
C CYS A 455 6.73 -13.08 -4.55
N VAL A 456 7.19 -13.12 -3.31
CA VAL A 456 7.06 -12.01 -2.40
C VAL A 456 8.42 -11.78 -1.75
N GLY A 457 8.72 -10.52 -1.44
CA GLY A 457 10.04 -10.17 -0.94
C GLY A 457 10.06 -9.75 0.51
N ASP A 458 10.86 -8.74 0.83
CA ASP A 458 10.96 -8.22 2.19
C ASP A 458 11.33 -6.75 2.11
N ASN A 459 10.41 -5.87 2.50
CA ASN A 459 10.62 -4.44 2.37
C ASN A 459 11.67 -3.89 3.32
N THR A 460 12.22 -4.70 4.23
CA THR A 460 13.37 -4.25 5.04
C THR A 460 14.69 -4.43 4.31
N ARG A 461 14.69 -5.10 3.16
CA ARG A 461 15.89 -5.33 2.36
C ARG A 461 15.78 -4.55 1.07
N PRO A 462 16.41 -3.37 0.97
CA PRO A 462 16.23 -2.54 -0.24
C PRO A 462 16.62 -3.23 -1.53
N VAL A 463 17.48 -4.25 -1.47
CA VAL A 463 17.86 -5.00 -2.67
C VAL A 463 16.66 -5.62 -3.35
N LEU A 464 15.59 -5.88 -2.60
CA LEU A 464 14.42 -6.61 -3.10
C LEU A 464 13.28 -5.68 -3.52
N MET A 465 13.51 -4.38 -3.58
CA MET A 465 12.47 -3.44 -3.94
C MET A 465 12.87 -2.63 -5.17
N ASN A 466 11.86 -2.25 -5.96
CA ASN A 466 12.11 -1.52 -7.19
C ASN A 466 12.70 -0.15 -6.88
N GLN A 467 13.81 0.19 -7.53
CA GLN A 467 14.52 1.43 -7.26
C GLN A 467 14.12 2.57 -8.19
N GLN A 468 13.09 2.37 -9.03
CA GLN A 468 12.63 3.41 -9.93
C GLN A 468 11.24 3.93 -9.60
N ASN A 469 10.42 3.15 -8.91
CA ASN A 469 9.06 3.54 -8.56
C ASN A 469 8.53 2.57 -7.52
N ALA A 470 8.08 3.12 -6.38
CA ALA A 470 7.63 2.27 -5.30
C ALA A 470 6.42 1.43 -5.70
N MET A 471 5.63 1.92 -6.66
CA MET A 471 4.44 1.22 -7.11
C MET A 471 4.75 0.02 -8.00
N TRP A 472 6.03 -0.25 -8.27
CA TRP A 472 6.43 -1.32 -9.18
C TRP A 472 7.06 -2.48 -8.41
N PRO A 473 6.94 -3.71 -8.91
CA PRO A 473 7.69 -4.82 -8.34
C PRO A 473 9.12 -4.83 -8.85
N TYR A 474 9.98 -5.53 -8.11
CA TYR A 474 11.36 -5.73 -8.50
C TYR A 474 11.46 -6.95 -9.41
N PHE A 475 12.32 -6.86 -10.42
CA PHE A 475 12.52 -7.95 -11.37
C PHE A 475 13.95 -8.46 -11.24
N THR A 476 14.09 -9.76 -11.01
CA THR A 476 15.40 -10.36 -10.81
C THR A 476 16.24 -10.26 -12.07
N THR A 477 17.56 -10.16 -11.87
CA THR A 477 18.49 -10.03 -12.97
C THR A 477 19.57 -11.10 -12.86
N VAL A 478 20.16 -11.45 -14.00
CA VAL A 478 21.24 -12.44 -14.02
C VAL A 478 22.42 -11.93 -13.20
N GLU A 479 22.67 -10.63 -13.23
CA GLU A 479 23.83 -10.06 -12.56
C GLU A 479 23.66 -10.08 -11.04
N SER A 480 22.51 -9.61 -10.56
CA SER A 480 22.29 -9.42 -9.14
C SER A 480 21.73 -10.65 -8.43
N ASP A 481 21.02 -11.52 -9.15
CA ASP A 481 20.32 -12.62 -8.51
C ASP A 481 20.58 -13.98 -9.14
N GLY A 482 21.43 -14.05 -10.16
CA GLY A 482 21.71 -15.30 -10.84
C GLY A 482 20.64 -15.78 -11.80
N PHE A 483 19.51 -15.09 -11.86
CA PHE A 483 18.40 -15.46 -12.73
C PHE A 483 17.60 -14.21 -13.05
N ALA A 484 17.09 -14.14 -14.27
CA ALA A 484 16.37 -12.97 -14.73
C ALA A 484 14.93 -13.34 -15.08
N GLY A 485 13.99 -12.50 -14.63
CA GLY A 485 12.59 -12.62 -15.02
C GLY A 485 11.64 -12.85 -13.88
N MET A 486 12.12 -13.26 -12.71
CA MET A 486 11.22 -13.52 -11.59
C MET A 486 10.74 -12.20 -10.99
N GLN A 487 9.43 -12.11 -10.76
CA GLN A 487 8.82 -10.89 -10.24
C GLN A 487 8.74 -10.96 -8.72
N VAL A 488 9.39 -10.02 -8.06
CA VAL A 488 9.41 -9.95 -6.61
C VAL A 488 8.47 -8.82 -6.19
N ASN A 489 7.32 -9.19 -5.62
CA ASN A 489 6.37 -8.19 -5.15
C ASN A 489 6.70 -7.78 -3.72
N PRO A 490 6.56 -6.51 -3.39
CA PRO A 490 6.92 -6.04 -2.04
C PRO A 490 5.97 -6.57 -0.98
N ARG A 491 6.48 -6.60 0.25
CA ARG A 491 5.70 -7.02 1.42
C ARG A 491 6.27 -6.34 2.67
N TRP A 492 5.37 -5.86 3.51
CA TRP A 492 5.72 -5.19 4.75
C TRP A 492 5.91 -6.20 5.88
N ALA A 493 6.86 -5.87 6.76
CA ALA A 493 7.04 -6.60 8.02
C ALA A 493 6.45 -5.79 9.16
N THR A 494 6.03 -6.49 10.20
CA THR A 494 5.40 -5.86 11.36
C THR A 494 6.15 -6.28 12.63
N ARG A 495 5.84 -5.59 13.72
CA ARG A 495 6.35 -5.94 15.03
C ARG A 495 5.62 -7.13 15.65
N ILE A 496 4.67 -7.73 14.92
CA ILE A 496 4.12 -9.03 15.29
C ILE A 496 5.09 -10.07 14.73
N TYR A 497 6.02 -10.52 15.56
CA TYR A 497 7.18 -11.25 15.08
C TYR A 497 6.85 -12.71 14.80
N TYR A 498 7.68 -13.33 13.95
CA TYR A 498 7.38 -14.65 13.40
C TYR A 498 7.38 -15.73 14.45
N ASN A 499 8.12 -15.55 15.54
CA ASN A 499 8.31 -16.57 16.55
C ASN A 499 7.60 -16.20 17.86
N CYS A 500 6.46 -15.54 17.74
CA CYS A 500 5.71 -15.09 18.91
C CYS A 500 4.25 -15.49 18.80
N ASP A 501 3.67 -15.86 19.95
CA ASP A 501 2.29 -16.31 20.02
C ASP A 501 1.47 -15.58 21.09
N THR A 502 2.05 -14.65 21.83
CA THR A 502 1.36 -13.91 22.87
C THR A 502 1.77 -12.45 22.80
N PRO A 503 0.96 -11.55 23.35
CA PRO A 503 1.40 -10.14 23.44
C PRO A 503 2.71 -9.98 24.20
N ALA A 504 2.89 -10.72 25.31
CA ALA A 504 4.12 -10.64 26.08
C ALA A 504 5.33 -10.97 25.21
N CYS A 505 5.21 -11.97 24.33
CA CYS A 505 6.32 -12.36 23.48
C CYS A 505 6.71 -11.22 22.53
N THR A 506 5.75 -10.73 21.73
CA THR A 506 6.08 -9.68 20.76
C THR A 506 6.65 -8.44 21.44
N VAL A 507 6.03 -8.02 22.56
CA VAL A 507 6.52 -6.85 23.27
C VAL A 507 7.95 -7.07 23.73
N GLN A 508 8.25 -8.27 24.22
CA GLN A 508 9.60 -8.55 24.68
C GLN A 508 10.62 -8.49 23.55
N GLU A 509 10.33 -9.17 22.43
CA GLU A 509 11.24 -9.15 21.30
C GLU A 509 11.36 -7.75 20.71
N TRP A 510 10.26 -6.98 20.72
CA TRP A 510 10.31 -5.60 20.27
C TRP A 510 11.20 -4.77 21.18
N ILE A 511 11.14 -5.01 22.49
CA ILE A 511 11.99 -4.29 23.43
C ILE A 511 13.45 -4.69 23.25
N ASP A 512 13.71 -5.99 23.08
CA ASP A 512 15.08 -6.48 23.07
C ASP A 512 15.82 -6.12 21.78
N THR A 513 15.12 -6.09 20.65
CA THR A 513 15.76 -5.97 19.35
C THR A 513 15.44 -4.65 18.64
N SER A 514 14.90 -3.67 19.37
CA SER A 514 14.53 -2.39 18.76
C SER A 514 14.52 -1.32 19.84
N ALA A 515 14.04 -0.13 19.48
CA ALA A 515 13.85 0.92 20.46
C ALA A 515 12.51 0.72 21.16
N GLY A 516 12.07 -0.54 21.25
CA GLY A 516 10.77 -0.83 21.78
C GLY A 516 10.68 -0.49 23.26
N ALA A 517 9.54 0.08 23.65
CA ALA A 517 9.29 0.43 25.04
C ALA A 517 7.80 0.63 25.22
N GLY A 518 7.22 -0.07 26.17
CA GLY A 518 5.82 0.09 26.50
C GLY A 518 5.11 -1.24 26.53
N SER A 519 3.78 -1.17 26.44
CA SER A 519 2.93 -2.33 26.47
C SER A 519 2.60 -2.79 25.05
N PHE A 520 1.67 -3.74 24.93
CA PHE A 520 1.24 -4.19 23.62
C PHE A 520 0.44 -3.12 22.90
N ASP A 521 -0.29 -2.29 23.65
CA ASP A 521 -1.01 -1.18 23.03
C ASP A 521 -0.05 -0.15 22.45
N ASP A 522 1.06 0.09 23.14
CA ASP A 522 2.10 0.95 22.59
C ASP A 522 2.64 0.41 21.27
N LEU A 523 2.86 -0.91 21.21
CA LEU A 523 3.31 -1.53 19.96
C LEU A 523 2.25 -1.40 18.88
N LEU A 524 0.98 -1.64 19.22
CA LEU A 524 -0.10 -1.49 18.26
C LEU A 524 -0.26 -0.04 17.82
N ALA A 525 0.05 0.92 18.70
CA ALA A 525 -0.08 2.32 18.33
C ALA A 525 0.92 2.70 17.24
N VAL A 526 2.18 2.27 17.37
CA VAL A 526 3.15 2.58 16.34
C VAL A 526 2.86 1.78 15.07
N GLU A 527 2.30 0.57 15.20
CA GLU A 527 1.88 -0.17 14.02
C GLU A 527 0.72 0.52 13.32
N LYS A 528 -0.17 1.15 14.08
CA LYS A 528 -1.29 1.88 13.50
C LYS A 528 -0.80 3.03 12.63
N ALA A 529 0.15 3.82 13.14
CA ALA A 529 0.65 4.96 12.38
C ALA A 529 1.38 4.51 11.13
N ASP A 530 2.24 3.49 11.28
CA ASP A 530 3.07 3.07 10.16
C ASP A 530 2.22 2.43 9.06
N THR A 531 1.20 1.65 9.43
CA THR A 531 0.39 0.99 8.42
C THR A 531 -0.56 1.97 7.72
N MET A 532 -1.03 2.99 8.45
CA MET A 532 -1.83 4.03 7.79
C MET A 532 -0.99 4.78 6.76
N ARG A 533 0.29 4.99 7.04
CA ARG A 533 1.17 5.64 6.06
C ARG A 533 1.27 4.80 4.79
N HIS A 534 1.31 3.48 4.93
CA HIS A 534 1.34 2.60 3.75
C HIS A 534 0.00 2.62 3.02
N LEU A 535 -1.09 2.41 3.76
CA LEU A 535 -2.39 2.26 3.13
C LEU A 535 -2.89 3.58 2.55
N LEU A 536 -2.75 4.67 3.30
CA LEU A 536 -3.13 5.97 2.76
C LEU A 536 -2.17 6.46 1.68
N GLY A 537 -1.01 5.84 1.54
CA GLY A 537 -0.12 6.08 0.42
C GLY A 537 -0.40 5.19 -0.78
N LEU A 538 -1.48 4.39 -0.71
CA LEU A 538 -1.91 3.52 -1.80
C LEU A 538 -0.87 2.47 -2.14
N ARG A 539 -0.05 2.09 -1.17
CA ARG A 539 0.89 1.00 -1.33
C ARG A 539 0.14 -0.32 -1.25
N HIS A 540 0.12 -1.07 -2.35
CA HIS A 540 -0.60 -2.33 -2.44
C HIS A 540 0.19 -3.51 -1.90
N ASP A 541 1.32 -3.28 -1.23
CA ASP A 541 2.11 -4.37 -0.68
C ASP A 541 1.32 -5.10 0.39
N GLY A 542 1.53 -6.41 0.48
CA GLY A 542 0.93 -7.20 1.53
C GLY A 542 1.72 -7.11 2.82
N TYR A 543 1.28 -7.88 3.81
CA TYR A 543 1.85 -7.85 5.14
C TYR A 543 2.21 -9.26 5.60
N MET A 544 3.33 -9.37 6.31
CA MET A 544 3.92 -10.64 6.68
C MET A 544 3.52 -11.03 8.10
N PHE A 545 2.92 -12.21 8.24
CA PHE A 545 2.63 -12.81 9.54
C PHE A 545 2.97 -14.30 9.49
N HIS A 546 2.87 -14.96 10.64
CA HIS A 546 3.26 -16.36 10.76
C HIS A 546 2.24 -17.11 11.60
N GLN A 547 2.27 -18.45 11.50
CA GLN A 547 1.21 -19.27 12.05
C GLN A 547 1.10 -19.13 13.56
N ALA A 548 2.23 -18.95 14.25
CA ALA A 548 2.18 -18.78 15.70
C ALA A 548 1.40 -17.55 16.12
N ASN A 549 1.25 -16.56 15.23
CA ASN A 549 0.55 -15.33 15.57
C ASN A 549 -0.96 -15.50 15.68
N LEU A 550 -1.50 -16.63 15.23
CA LEU A 550 -2.95 -16.85 15.25
C LEU A 550 -3.44 -17.49 16.54
N ARG A 551 -2.56 -17.70 17.51
CA ARG A 551 -2.96 -18.35 18.75
C ARG A 551 -4.00 -17.52 19.47
N ASN A 552 -5.19 -18.09 19.66
CA ASN A 552 -6.30 -17.39 20.30
C ASN A 552 -7.16 -18.28 21.19
N ALA A 553 -7.31 -19.57 20.89
CA ALA A 553 -8.29 -20.41 21.58
C ALA A 553 -8.01 -20.49 23.08
N ASP A 554 -6.75 -20.37 23.49
CA ASP A 554 -6.37 -20.60 24.88
C ASP A 554 -5.56 -19.45 25.47
N VAL A 555 -5.73 -18.24 24.94
CA VAL A 555 -4.92 -17.12 25.38
C VAL A 555 -5.69 -16.32 26.40
N THR A 556 -4.96 -15.55 27.19
CA THR A 556 -5.58 -14.63 28.14
C THR A 556 -6.30 -13.52 27.37
N PRO A 557 -7.55 -13.23 27.69
CA PRO A 557 -8.26 -12.16 26.98
C PRO A 557 -7.54 -10.83 27.12
N ILE A 558 -7.55 -10.05 26.04
CA ILE A 558 -7.03 -8.70 26.03
C ILE A 558 -8.12 -7.78 25.50
N THR A 559 -7.86 -6.47 25.59
CA THR A 559 -8.81 -5.46 25.15
C THR A 559 -8.20 -4.65 24.02
N VAL A 560 -8.93 -4.55 22.91
CA VAL A 560 -8.52 -3.77 21.74
C VAL A 560 -9.62 -2.77 21.44
N ASN A 561 -9.28 -1.48 21.55
CA ASN A 561 -10.21 -0.39 21.29
C ASN A 561 -11.50 -0.55 22.09
N GLY A 562 -11.34 -0.88 23.37
CA GLY A 562 -12.46 -0.95 24.29
C GLY A 562 -13.24 -2.25 24.28
N VAL A 563 -12.94 -3.16 23.36
CA VAL A 563 -13.64 -4.44 23.26
C VAL A 563 -12.71 -5.53 23.77
N THR A 564 -13.18 -6.29 24.76
CA THR A 564 -12.39 -7.34 25.39
C THR A 564 -12.76 -8.69 24.78
N ALA A 565 -11.75 -9.42 24.32
CA ALA A 565 -11.96 -10.70 23.66
C ALA A 565 -10.66 -11.48 23.69
N LYS A 566 -10.76 -12.76 23.31
CA LYS A 566 -9.58 -13.63 23.20
C LYS A 566 -8.90 -13.43 21.83
N TYR A 567 -8.46 -12.19 21.61
CA TYR A 567 -7.77 -11.84 20.37
C TYR A 567 -6.38 -12.46 20.30
N SER A 568 -6.05 -13.03 19.15
CA SER A 568 -4.66 -13.34 18.86
C SER A 568 -3.90 -12.04 18.56
N ILE A 569 -2.57 -12.13 18.59
CA ILE A 569 -1.77 -10.95 18.27
C ILE A 569 -1.99 -10.55 16.81
N PHE A 570 -2.29 -11.51 15.94
CA PHE A 570 -2.61 -11.18 14.56
C PHE A 570 -3.94 -10.44 14.48
N GLN A 571 -4.98 -10.96 15.14
CA GLN A 571 -6.28 -10.28 15.12
C GLN A 571 -6.18 -8.88 15.74
N ALA A 572 -5.44 -8.75 16.84
CA ALA A 572 -5.30 -7.44 17.47
C ALA A 572 -4.66 -6.43 16.53
N TRP A 573 -3.75 -6.88 15.66
CA TRP A 573 -3.15 -5.98 14.69
C TRP A 573 -4.18 -5.57 13.63
N VAL A 574 -4.90 -6.55 13.08
CA VAL A 574 -5.90 -6.25 12.06
C VAL A 574 -7.00 -5.37 12.63
N GLU A 575 -7.46 -5.66 13.85
CA GLU A 575 -8.47 -4.82 14.49
C GLU A 575 -7.97 -3.39 14.61
N THR A 576 -6.72 -3.20 15.03
CA THR A 576 -6.17 -1.86 15.15
C THR A 576 -6.12 -1.15 13.80
N ILE A 577 -5.67 -1.86 12.77
CA ILE A 577 -5.47 -1.23 11.47
C ILE A 577 -6.81 -0.93 10.80
N VAL A 578 -7.74 -1.89 10.83
CA VAL A 578 -9.01 -1.72 10.13
C VAL A 578 -9.83 -0.61 10.78
N GLN A 579 -9.90 -0.58 12.11
CA GLN A 579 -10.72 0.42 12.79
C GLN A 579 -10.18 1.83 12.55
N GLU A 580 -8.86 1.99 12.51
CA GLU A 580 -8.31 3.31 12.25
C GLU A 580 -8.55 3.74 10.81
N PHE A 581 -8.37 2.83 9.86
CA PHE A 581 -8.65 3.14 8.47
C PHE A 581 -10.09 3.59 8.29
N VAL A 582 -11.03 2.89 8.93
CA VAL A 582 -12.45 3.24 8.79
C VAL A 582 -12.75 4.55 9.51
N ARG A 583 -11.98 4.89 10.56
CA ARG A 583 -12.18 6.16 11.25
C ARG A 583 -11.81 7.35 10.38
N LEU A 584 -10.87 7.17 9.46
CA LEU A 584 -10.36 8.27 8.63
C LEU A 584 -11.06 8.41 7.29
N VAL A 585 -11.33 7.29 6.59
CA VAL A 585 -11.90 7.32 5.25
C VAL A 585 -13.08 6.35 5.18
N ASP A 586 -13.87 6.47 4.11
CA ASP A 586 -14.96 5.53 3.86
C ASP A 586 -14.64 4.60 2.69
N TRP A 587 -13.38 4.51 2.28
CA TRP A 587 -13.01 3.68 1.16
C TRP A 587 -13.20 2.20 1.50
N PRO A 588 -13.40 1.37 0.48
CA PRO A 588 -13.41 -0.08 0.72
C PRO A 588 -12.01 -0.60 1.01
N LEU A 589 -11.97 -1.74 1.69
CA LEU A 589 -10.76 -2.54 1.83
C LEU A 589 -11.00 -3.84 1.07
N VAL A 590 -10.17 -4.10 0.06
CA VAL A 590 -10.35 -5.25 -0.81
C VAL A 590 -9.13 -6.14 -0.70
N THR A 591 -9.34 -7.39 -0.29
CA THR A 591 -8.29 -8.40 -0.28
C THR A 591 -8.31 -9.15 -1.59
N ILE A 592 -7.12 -9.34 -2.19
CA ILE A 592 -6.96 -10.13 -3.40
C ILE A 592 -5.89 -11.17 -3.15
N THR A 593 -5.94 -12.26 -3.92
CA THR A 593 -4.98 -13.33 -3.76
C THR A 593 -3.59 -12.87 -4.18
N HIS A 594 -2.59 -13.62 -3.73
CA HIS A 594 -1.22 -13.34 -4.11
C HIS A 594 -1.07 -13.30 -5.63
N GLN A 595 -1.74 -14.23 -6.31
CA GLN A 595 -1.70 -14.25 -7.78
C GLN A 595 -2.31 -12.99 -8.37
N GLU A 596 -3.47 -12.57 -7.85
CA GLU A 596 -4.09 -11.33 -8.33
C GLU A 596 -3.22 -10.12 -7.99
N MET A 597 -2.62 -10.12 -6.79
CA MET A 597 -1.81 -8.99 -6.38
C MET A 597 -0.59 -8.85 -7.28
N SER A 598 0.05 -9.97 -7.63
CA SER A 598 1.18 -9.92 -8.54
C SER A 598 0.77 -9.44 -9.93
N GLU A 599 -0.45 -9.80 -10.35
CA GLU A 599 -0.94 -9.35 -11.65
C GLU A 599 -1.11 -7.83 -11.71
N ASN A 600 -1.74 -7.26 -10.69
CA ASN A 600 -1.95 -5.81 -10.68
C ASN A 600 -0.62 -5.06 -10.58
N PHE A 601 0.34 -5.59 -9.84
CA PHE A 601 1.67 -4.98 -9.79
C PHE A 601 2.32 -4.99 -11.17
N LEU A 602 2.11 -6.06 -11.93
CA LEU A 602 2.66 -6.11 -13.29
C LEU A 602 1.92 -5.16 -14.22
N ALA A 603 0.59 -5.13 -14.14
CA ALA A 603 -0.20 -4.24 -14.99
C ALA A 603 0.09 -2.78 -14.68
N ARG A 604 0.23 -2.44 -13.39
CA ARG A 604 0.62 -1.08 -13.02
C ARG A 604 1.96 -0.72 -13.65
N TYR A 605 2.94 -1.63 -13.55
CA TYR A 605 4.26 -1.36 -14.11
C TYR A 605 4.20 -1.21 -15.62
N GLN A 606 3.35 -2.00 -16.29
CA GLN A 606 3.34 -2.00 -17.75
C GLN A 606 2.65 -0.77 -18.32
N ARG A 607 1.46 -0.43 -17.81
CA ARG A 607 0.77 0.74 -18.32
C ARG A 607 1.51 2.03 -18.02
N ASP A 608 2.39 2.05 -17.02
CA ASP A 608 3.21 3.22 -16.76
C ASP A 608 4.27 3.43 -17.84
N GLN A 609 4.55 2.40 -18.64
CA GLN A 609 5.49 2.52 -19.75
C GLN A 609 4.85 3.00 -21.05
N CYS A 610 3.52 3.11 -21.09
CA CYS A 610 2.83 3.54 -22.29
C CYS A 610 2.73 5.05 -22.41
N GLY A 611 2.99 5.79 -21.35
CA GLY A 611 2.82 7.24 -21.39
C GLY A 611 1.37 7.63 -21.64
N TYR A 612 0.46 7.14 -20.82
CA TYR A 612 -0.95 7.48 -20.99
C TYR A 612 -1.23 8.88 -20.46
N GLY A 613 -2.25 9.50 -21.02
CA GLY A 613 -2.64 10.83 -20.60
C GLY A 613 -4.12 11.05 -20.82
N LEU A 614 -4.64 12.05 -20.10
CA LEU A 614 -6.04 12.45 -20.23
C LEU A 614 -6.11 13.91 -20.64
N SER A 615 -7.20 14.26 -21.32
CA SER A 615 -7.51 15.65 -21.62
C SER A 615 -9.02 15.81 -21.54
N TYR A 616 -9.46 17.00 -21.17
CA TYR A 616 -10.89 17.28 -21.06
C TYR A 616 -11.25 18.54 -21.83
N ALA A 617 -12.40 18.48 -22.51
CA ALA A 617 -12.90 19.61 -23.27
C ALA A 617 -13.86 20.44 -22.42
N VAL A 618 -13.76 21.76 -22.56
CA VAL A 618 -14.57 22.71 -21.80
C VAL A 618 -15.46 23.46 -22.77
N ALA A 619 -16.75 23.55 -22.45
CA ALA A 619 -17.74 24.23 -23.29
C ALA A 619 -18.61 25.09 -22.38
N ASP A 620 -18.43 26.41 -22.48
CA ASP A 620 -19.19 27.39 -21.71
C ASP A 620 -19.04 27.14 -20.20
N LYS A 621 -17.79 27.25 -19.75
CA LYS A 621 -17.42 27.18 -18.33
C LYS A 621 -17.76 25.84 -17.69
N LYS A 622 -17.90 24.79 -18.48
CA LYS A 622 -18.29 23.47 -17.97
C LYS A 622 -17.49 22.39 -18.68
N ILE A 623 -17.03 21.42 -17.90
CA ILE A 623 -16.33 20.25 -18.45
C ILE A 623 -17.38 19.28 -18.97
N THR A 624 -17.27 18.91 -20.26
CA THR A 624 -18.28 18.10 -20.91
C THR A 624 -17.81 16.73 -21.37
N ALA A 625 -16.50 16.53 -21.55
CA ALA A 625 -15.99 15.26 -22.08
C ALA A 625 -14.53 15.12 -21.74
N VAL A 626 -14.02 13.89 -21.88
CA VAL A 626 -12.62 13.57 -21.68
C VAL A 626 -12.16 12.64 -22.81
N THR A 627 -10.86 12.64 -23.05
CA THR A 627 -10.24 11.81 -24.08
C THR A 627 -9.01 11.13 -23.52
N VAL A 628 -8.93 9.81 -23.68
CA VAL A 628 -7.83 9.00 -23.20
C VAL A 628 -6.84 8.80 -24.35
N THR A 629 -5.56 9.01 -24.07
CA THR A 629 -4.52 8.86 -25.09
C THR A 629 -3.31 8.19 -24.48
N ALA A 630 -2.43 7.71 -25.35
CA ALA A 630 -1.15 7.12 -24.95
C ALA A 630 -0.23 7.18 -26.16
N THR A 631 1.01 6.72 -25.98
CA THR A 631 1.97 6.69 -27.07
C THR A 631 1.46 5.81 -28.21
N GLY A 632 1.17 6.41 -29.36
CA GLY A 632 0.51 5.71 -30.43
C GLY A 632 -0.92 5.31 -30.15
N ASN A 633 -1.53 5.86 -29.09
CA ASN A 633 -2.89 5.49 -28.68
C ASN A 633 -3.05 3.97 -28.52
N THR A 634 -1.97 3.31 -28.14
CA THR A 634 -1.97 1.87 -27.87
C THR A 634 -1.29 1.61 -26.54
N CYS A 635 -1.75 0.57 -25.85
CA CYS A 635 -1.11 0.14 -24.62
C CYS A 635 -1.47 -1.32 -24.39
N SER A 636 -0.48 -2.10 -23.92
CA SER A 636 -0.72 -3.50 -23.60
C SER A 636 -1.81 -3.64 -22.55
N ARG A 637 -1.87 -2.72 -21.60
CA ARG A 637 -2.80 -2.75 -20.48
C ARG A 637 -3.86 -1.66 -20.63
N PRO A 638 -5.03 -1.84 -20.01
CA PRO A 638 -6.03 -0.77 -20.02
C PRO A 638 -5.61 0.38 -19.12
N ILE A 639 -6.06 1.57 -19.49
CA ILE A 639 -5.74 2.80 -18.77
C ILE A 639 -6.91 3.12 -17.84
N PRO A 640 -6.69 3.24 -16.54
CA PRO A 640 -7.79 3.60 -15.64
C PRO A 640 -8.17 5.06 -15.75
N VAL A 641 -9.47 5.33 -15.66
CA VAL A 641 -10.01 6.68 -15.69
C VAL A 641 -11.06 6.79 -14.59
N THR A 642 -10.88 7.76 -13.70
CA THR A 642 -11.77 7.96 -12.56
C THR A 642 -12.76 9.08 -12.86
N PHE A 643 -14.06 8.77 -12.70
CA PHE A 643 -15.14 9.70 -13.01
C PHE A 643 -15.87 10.12 -11.76
N PRO A 644 -16.04 11.44 -11.53
CA PRO A 644 -16.87 11.89 -10.41
C PRO A 644 -18.34 11.99 -10.82
N VAL A 645 -18.57 12.02 -12.13
CA VAL A 645 -19.91 11.99 -12.70
C VAL A 645 -19.93 10.88 -13.74
N ALA A 646 -21.01 10.11 -13.76
CA ALA A 646 -21.08 8.96 -14.65
C ALA A 646 -21.05 9.43 -16.10
N PRO A 647 -20.22 8.83 -16.95
CA PRO A 647 -20.25 9.14 -18.38
C PRO A 647 -21.53 8.60 -19.02
N THR A 648 -21.79 9.07 -20.24
CA THR A 648 -23.02 8.66 -20.94
C THR A 648 -23.02 7.17 -21.25
N SER A 649 -21.84 6.57 -21.44
CA SER A 649 -21.76 5.14 -21.69
C SER A 649 -20.35 4.67 -21.37
N THR A 650 -20.25 3.57 -20.64
CA THR A 650 -18.93 2.98 -20.37
C THR A 650 -18.34 2.30 -21.59
N GLN A 651 -19.07 2.28 -22.71
CA GLN A 651 -18.56 1.83 -24.01
C GLN A 651 -18.00 0.40 -23.94
N GLY A 652 -18.64 -0.44 -23.14
CA GLY A 652 -18.25 -1.84 -23.07
C GLY A 652 -16.89 -2.10 -22.48
N TYR A 653 -16.32 -1.15 -21.74
CA TYR A 653 -15.06 -1.37 -21.05
C TYR A 653 -15.31 -1.89 -19.65
N ALA A 654 -14.25 -2.40 -19.01
CA ALA A 654 -14.36 -2.91 -17.65
C ALA A 654 -14.45 -1.75 -16.67
N THR A 655 -15.43 -1.81 -15.78
CA THR A 655 -15.67 -0.74 -14.82
C THR A 655 -15.51 -1.25 -13.40
N GLU A 656 -15.47 -0.31 -12.47
CA GLU A 656 -15.20 -0.63 -11.07
C GLU A 656 -15.73 0.51 -10.22
N GLN A 657 -16.62 0.18 -9.27
CA GLN A 657 -17.20 1.20 -8.39
C GLN A 657 -17.71 0.56 -7.11
N LEU A 658 -16.80 0.15 -6.24
CA LEU A 658 -17.16 -0.50 -4.98
C LEU A 658 -17.51 0.54 -3.93
N GLY A 659 -18.52 0.23 -3.11
CA GLY A 659 -18.88 1.11 -2.02
C GLY A 659 -19.22 2.50 -2.52
N SER A 660 -18.61 3.50 -1.89
CA SER A 660 -18.81 4.90 -2.26
C SER A 660 -17.67 5.43 -3.12
N ASP A 661 -16.89 4.54 -3.74
CA ASP A 661 -15.81 4.97 -4.61
C ASP A 661 -16.37 5.68 -5.84
N PRO A 662 -15.56 6.52 -6.48
CA PRO A 662 -15.91 7.01 -7.81
C PRO A 662 -15.84 5.88 -8.84
N LEU A 663 -16.40 6.15 -10.00
CA LEU A 663 -16.40 5.19 -11.10
C LEU A 663 -15.03 5.14 -11.75
N THR A 664 -14.43 3.94 -11.77
CA THR A 664 -13.16 3.71 -12.47
C THR A 664 -13.45 2.92 -13.74
N VAL A 665 -13.02 3.44 -14.89
CA VAL A 665 -13.21 2.81 -16.18
C VAL A 665 -11.84 2.42 -16.72
N TRP A 666 -11.66 1.13 -16.99
CA TRP A 666 -10.41 0.62 -17.56
C TRP A 666 -10.52 0.68 -19.07
N VAL A 667 -9.89 1.69 -19.66
CA VAL A 667 -10.04 1.98 -21.09
C VAL A 667 -8.92 1.29 -21.85
N GLN A 668 -9.30 0.35 -22.72
CA GLN A 668 -8.34 -0.39 -23.52
C GLN A 668 -8.08 0.37 -24.82
N LEU A 669 -6.89 0.95 -24.95
CA LEU A 669 -6.51 1.66 -26.16
C LEU A 669 -5.93 0.68 -27.18
N SER A 670 -6.32 0.86 -28.44
CA SER A 670 -5.94 -0.07 -29.50
C SER A 670 -5.50 0.64 -30.78
N GLY A 671 -5.15 1.92 -30.70
CA GLY A 671 -4.75 2.65 -31.89
C GLY A 671 -5.43 3.98 -32.02
N SER A 672 -6.70 4.04 -31.60
CA SER A 672 -7.47 5.27 -31.63
C SER A 672 -7.74 5.76 -30.22
N PRO A 673 -7.79 7.08 -30.02
CA PRO A 673 -8.07 7.61 -28.67
C PRO A 673 -9.57 7.52 -28.36
N VAL A 674 -9.87 7.21 -27.11
CA VAL A 674 -11.25 7.02 -26.68
C VAL A 674 -11.73 8.29 -25.99
N THR A 675 -13.00 8.64 -26.22
CA THR A 675 -13.61 9.83 -25.66
C THR A 675 -14.90 9.47 -24.95
N PHE A 676 -15.11 10.04 -23.76
CA PHE A 676 -16.31 9.82 -22.96
C PHE A 676 -17.02 11.14 -22.75
N THR A 677 -18.35 11.11 -22.86
CA THR A 677 -19.18 12.29 -22.64
C THR A 677 -19.78 12.24 -21.24
N LEU A 678 -19.56 13.30 -20.46
CA LEU A 678 -20.13 13.37 -19.12
C LEU A 678 -21.65 13.50 -19.20
N SER A 679 -22.36 12.63 -18.48
CA SER A 679 -23.80 12.71 -18.45
C SER A 679 -24.27 14.03 -17.86
N THR A 680 -23.72 14.41 -16.72
CA THR A 680 -23.94 15.72 -16.12
C THR A 680 -22.63 16.50 -16.17
N PRO A 681 -22.51 17.51 -17.04
CA PRO A 681 -21.23 18.23 -17.17
C PRO A 681 -20.81 18.89 -15.87
N ILE A 682 -19.50 18.87 -15.62
CA ILE A 682 -18.94 19.44 -14.39
C ILE A 682 -18.74 20.93 -14.59
N ALA A 683 -19.40 21.73 -13.76
CA ALA A 683 -19.21 23.17 -13.83
C ALA A 683 -17.87 23.54 -13.20
N LEU A 684 -17.20 24.52 -13.78
CA LEU A 684 -15.89 24.91 -13.30
C LEU A 684 -16.00 25.84 -12.10
#